data_5ZA2
#
_entry.id   5ZA2
#
_cell.length_a   51.391
_cell.length_b   85.908
_cell.length_c   144.227
_cell.angle_alpha   90.00
_cell.angle_beta   90.00
_cell.angle_gamma   90.00
#
_symmetry.space_group_name_H-M   'P 21 21 21'
#
loop_
_entity.id
_entity.type
_entity.pdbx_description
1 polymer Beta-lactamase
2 polymer Beta-lactamase
3 non-polymer (2S,5R)-1-formyl-5-[(sulfooxy)amino]piperidine-2-carboxamide
4 non-polymer GLYCEROL
5 non-polymer '4-(2-HYDROXYETHYL)-1-PIPERAZINE ETHANESULFONIC ACID'
6 water water
#
loop_
_entity_poly.entity_id
_entity_poly.type
_entity_poly.pdbx_seq_one_letter_code
_entity_poly.pdbx_strand_id
1 'polypeptide(L)'
;LTATVDGIIQPMLKAYRIPGMAVAVLKDGKAHYFNYGVANRESGQRVSEQTLFEIGSVSKTLTATLGAYAAVKGGFELDD
KVSQHAPWLKGSAFDGVTMAELATYSAGGLPLQFPDEVDSNDKMQTYYRSWSPVYPAGTHRQYSNPSIGLFGHLAANSLG
QPFEQLMSQTLLPKLGLHHTYIQVPESAMANYAYGYSKEDKPIRATPGVLAAEAYGIKTGSADLLKFVEANMGYQGDAAL
KSAIALTHTGFHSVGEMTQGLGWESYDYPVTEQVLLAGNSPAVSFQANPVTRFAVPKAMGEQRLYNKTGSTGGFGAYVAF
VPARGIAIVMLANRNYPIEARVKAAHAILSQLAE
;
A
2 'polypeptide(L)'
;PLTATVDGIIQPMLKAYRIPGMAVAVLKDGKAHYFNYGVANRESGQRVSEQTLFEIG(SEP)VSKTLTATLGAYAAVKGG
FELDDKVSQHAPWLKGSAFDGVTMAELATYSAGGLPLQFPDEVDSNDKMQTYYRSWSPVYPAGTHRQYSNPSIGLFGHLA
ANSLGQPFEQLMSQTLLPKLGLHHTYIQVPESAMANYAYGYSKEDKPIRATPGVLAAEAYGIKTGSADLLKFVEANMGYQ
GDAALKSAIALTHTGFHSVGEMTQGLGWESYDYPVTEQVLLAGNSPAVSFQANPVTRFAVPKAMGEQRLYNKTGSTGGFG
AYVAFVPARGIAIVMLANRNYPIEARVKAAHAILSQLAE
;
B
#
loop_
_chem_comp.id
_chem_comp.type
_chem_comp.name
_chem_comp.formula
EPE non-polymer '4-(2-HYDROXYETHYL)-1-PIPERAZINE ETHANESULFONIC ACID' 'C8 H18 N2 O4 S'
GOL non-polymer GLYCEROL 'C3 H8 O3'
NXL non-polymer (2S,5R)-1-formyl-5-[(sulfooxy)amino]piperidine-2-carboxamide 'C7 H13 N3 O6 S'
#
# COMPACT_ATOMS: atom_id res chain seq x y z
N LEU A 1 -18.39 28.79 15.73
CA LEU A 1 -17.82 27.52 15.28
C LEU A 1 -16.51 27.23 16.00
N THR A 2 -16.44 26.11 16.70
CA THR A 2 -15.23 25.76 17.45
C THR A 2 -14.06 25.39 16.53
N ALA A 3 -14.31 25.11 15.26
CA ALA A 3 -13.25 24.65 14.37
C ALA A 3 -12.53 25.80 13.69
N THR A 4 -11.27 25.57 13.35
CA THR A 4 -10.42 26.54 12.67
C THR A 4 -10.16 26.01 11.25
N VAL A 5 -11.16 26.18 10.38
CA VAL A 5 -11.12 25.52 9.07
C VAL A 5 -10.04 26.14 8.19
N ASP A 6 -10.08 27.46 8.01
CA ASP A 6 -9.07 28.16 7.21
C ASP A 6 -7.67 27.80 7.65
N GLY A 7 -7.42 27.80 8.97
CA GLY A 7 -6.08 27.57 9.47
C GLY A 7 -5.55 26.17 9.20
N ILE A 8 -6.44 25.20 9.04
CA ILE A 8 -6.03 23.85 8.73
C ILE A 8 -6.00 23.61 7.22
N ILE A 9 -6.97 24.17 6.50
CA ILE A 9 -7.09 23.88 5.06
C ILE A 9 -6.05 24.65 4.26
N GLN A 10 -5.89 25.96 4.51
CA GLN A 10 -5.05 26.76 3.64
C GLN A 10 -3.59 26.32 3.57
N PRO A 11 -2.92 25.94 4.67
CA PRO A 11 -1.55 25.41 4.51
C PRO A 11 -1.50 24.12 3.70
N MET A 12 -2.56 23.30 3.77
CA MET A 12 -2.59 22.07 3.00
C MET A 12 -2.76 22.35 1.51
N LEU A 13 -3.62 23.32 1.15
CA LEU A 13 -3.77 23.67 -0.24
C LEU A 13 -2.46 24.13 -0.84
N LYS A 14 -1.69 24.90 -0.07
CA LYS A 14 -0.38 25.37 -0.54
C LYS A 14 0.60 24.21 -0.65
N ALA A 15 0.63 23.34 0.35
CA ALA A 15 1.62 22.27 0.38
C ALA A 15 1.45 21.30 -0.78
N TYR A 16 0.22 21.10 -1.25
CA TYR A 16 0.00 20.17 -2.35
C TYR A 16 -0.50 20.86 -3.61
N ARG A 17 -0.39 22.20 -3.68
CA ARG A 17 -0.75 22.98 -4.87
C ARG A 17 -2.15 22.61 -5.37
N ILE A 18 -3.09 22.56 -4.44
CA ILE A 18 -4.47 22.21 -4.77
C ILE A 18 -5.13 23.45 -5.37
N PRO A 19 -5.60 23.40 -6.62
CA PRO A 19 -6.15 24.63 -7.24
C PRO A 19 -7.43 25.11 -6.58
N GLY A 20 -8.32 24.21 -6.18
CA GLY A 20 -9.56 24.60 -5.55
C GLY A 20 -10.06 23.53 -4.62
N MET A 21 -10.80 23.95 -3.59
CA MET A 21 -11.42 23.01 -2.67
C MET A 21 -12.69 23.60 -2.11
N ALA A 22 -13.74 22.77 -2.07
CA ALA A 22 -14.97 23.10 -1.37
C ALA A 22 -15.02 22.27 -0.10
N VAL A 23 -15.09 22.95 1.05
CA VAL A 23 -15.22 22.31 2.34
C VAL A 23 -16.60 22.65 2.89
N ALA A 24 -17.30 21.65 3.42
CA ALA A 24 -18.56 21.88 4.10
C ALA A 24 -18.54 21.14 5.42
N VAL A 25 -19.01 21.78 6.48
CA VAL A 25 -19.04 21.15 7.78
C VAL A 25 -20.44 21.28 8.35
N LEU A 26 -20.82 20.30 9.14
CA LEU A 26 -22.05 20.33 9.90
C LEU A 26 -21.73 20.40 11.37
N LYS A 27 -22.47 21.22 12.12
CA LYS A 27 -22.37 21.22 13.57
C LYS A 27 -23.63 21.83 14.13
N ASP A 28 -24.23 21.16 15.12
CA ASP A 28 -25.41 21.65 15.83
C ASP A 28 -26.56 21.95 14.87
N GLY A 29 -26.62 21.19 13.78
CA GLY A 29 -27.70 21.29 12.83
C GLY A 29 -27.53 22.33 11.74
N LYS A 30 -26.42 23.05 11.69
CA LYS A 30 -26.20 24.05 10.66
C LYS A 30 -25.01 23.68 9.79
N ALA A 31 -25.15 23.96 8.50
CA ALA A 31 -24.11 23.76 7.51
C ALA A 31 -23.28 25.02 7.38
N HIS A 32 -21.97 24.84 7.27
CA HIS A 32 -21.02 25.93 7.05
C HIS A 32 -20.15 25.60 5.84
N TYR A 33 -20.03 26.55 4.92
CA TYR A 33 -19.30 26.34 3.68
C TYR A 33 -18.05 27.20 3.66
N PHE A 34 -16.92 26.58 3.33
CA PHE A 34 -15.62 27.26 3.21
C PHE A 34 -15.08 26.91 1.84
N ASN A 35 -14.94 27.90 0.96
CA ASN A 35 -14.55 27.68 -0.41
C ASN A 35 -13.21 28.34 -0.70
N TYR A 36 -12.36 27.63 -1.43
CA TYR A 36 -11.00 28.05 -1.66
C TYR A 36 -10.64 27.89 -3.13
N GLY A 37 -9.98 28.91 -3.68
CA GLY A 37 -9.35 28.77 -4.97
C GLY A 37 -10.33 28.62 -6.13
N VAL A 38 -9.87 27.93 -7.16
CA VAL A 38 -10.51 27.98 -8.48
C VAL A 38 -10.94 26.59 -8.90
N ALA A 39 -12.10 26.53 -9.54
CA ALA A 39 -12.57 25.30 -10.20
C ALA A 39 -11.90 25.08 -11.55
N ASN A 40 -11.40 26.15 -12.18
CA ASN A 40 -10.86 26.14 -13.52
C ASN A 40 -9.66 27.08 -13.52
N ARG A 41 -8.47 26.53 -13.74
CA ARG A 41 -7.27 27.36 -13.60
C ARG A 41 -7.12 28.37 -14.72
N GLU A 42 -7.63 28.08 -15.93
CA GLU A 42 -7.40 29.00 -17.04
CA GLU A 42 -7.40 29.01 -17.03
C GLU A 42 -8.37 30.18 -17.00
N SER A 43 -9.61 29.95 -16.59
CA SER A 43 -10.55 31.05 -16.47
C SER A 43 -10.47 31.74 -15.11
N GLY A 44 -10.00 31.03 -14.08
CA GLY A 44 -10.04 31.57 -12.74
C GLY A 44 -11.38 31.48 -12.05
N GLN A 45 -12.35 30.78 -12.66
CA GLN A 45 -13.66 30.63 -12.06
C GLN A 45 -13.56 30.01 -10.66
N ARG A 46 -14.21 30.66 -9.70
CA ARG A 46 -14.03 30.32 -8.29
C ARG A 46 -14.84 29.09 -7.87
N VAL A 47 -14.28 28.34 -6.92
CA VAL A 47 -15.03 27.26 -6.27
C VAL A 47 -16.13 27.84 -5.39
N SER A 48 -17.31 27.24 -5.46
CA SER A 48 -18.37 27.43 -4.48
C SER A 48 -18.89 26.06 -4.05
N GLU A 49 -19.84 26.07 -3.12
CA GLU A 49 -20.49 24.84 -2.70
C GLU A 49 -21.41 24.27 -3.76
N GLN A 50 -21.56 24.95 -4.89
CA GLN A 50 -22.28 24.43 -6.05
C GLN A 50 -21.36 23.97 -7.17
N THR A 51 -20.04 24.15 -7.01
CA THR A 51 -19.10 23.58 -7.97
C THR A 51 -19.18 22.06 -7.97
N LEU A 52 -19.25 21.47 -9.15
CA LEU A 52 -19.32 20.02 -9.26
C LEU A 52 -17.91 19.45 -9.28
N PHE A 53 -17.63 18.56 -8.34
CA PHE A 53 -16.37 17.83 -8.29
C PHE A 53 -16.65 16.35 -8.57
N GLU A 54 -15.64 15.69 -9.13
CA GLU A 54 -15.67 14.23 -9.16
C GLU A 54 -15.33 13.72 -7.78
N ILE A 55 -16.23 12.94 -7.19
CA ILE A 55 -16.00 12.46 -5.83
C ILE A 55 -15.44 11.05 -5.81
N GLY A 56 -15.27 10.43 -6.98
CA GLY A 56 -14.56 9.16 -7.05
C GLY A 56 -15.24 8.12 -6.19
N SER A 57 -14.43 7.37 -5.44
CA SER A 57 -14.92 6.24 -4.66
C SER A 57 -15.86 6.64 -3.52
N VAL A 58 -15.99 7.92 -3.19
CA VAL A 58 -17.07 8.30 -2.26
C VAL A 58 -18.43 7.91 -2.85
N SER A 59 -18.51 7.77 -4.18
CA SER A 59 -19.72 7.28 -4.83
C SER A 59 -20.20 5.96 -4.23
N LYS A 60 -19.28 5.14 -3.70
CA LYS A 60 -19.67 3.83 -3.17
C LYS A 60 -20.65 3.96 -2.01
N THR A 61 -20.63 5.09 -1.30
CA THR A 61 -21.59 5.24 -0.22
C THR A 61 -23.00 5.44 -0.76
N LEU A 62 -23.14 6.13 -1.90
CA LEU A 62 -24.44 6.25 -2.53
C LEU A 62 -24.87 4.91 -3.15
N THR A 63 -23.92 4.22 -3.80
CA THR A 63 -24.21 2.90 -4.36
C THR A 63 -24.66 1.93 -3.27
N ALA A 64 -24.01 1.99 -2.11
CA ALA A 64 -24.39 1.14 -1.00
C ALA A 64 -25.78 1.47 -0.49
N THR A 65 -26.12 2.76 -0.45
CA THR A 65 -27.45 3.16 -0.01
C THR A 65 -28.51 2.67 -0.99
N LEU A 66 -28.20 2.74 -2.29
CA LEU A 66 -29.09 2.21 -3.31
C LEU A 66 -29.28 0.71 -3.15
N GLY A 67 -28.19 -0.02 -2.92
CA GLY A 67 -28.32 -1.47 -2.78
C GLY A 67 -29.11 -1.84 -1.53
N ALA A 68 -28.85 -1.14 -0.41
CA ALA A 68 -29.62 -1.38 0.80
C ALA A 68 -31.09 -1.07 0.57
N TYR A 69 -31.37 0.01 -0.16
CA TYR A 69 -32.75 0.37 -0.47
C TYR A 69 -33.43 -0.75 -1.26
N ALA A 70 -32.75 -1.29 -2.26
CA ALA A 70 -33.34 -2.37 -3.05
C ALA A 70 -33.62 -3.59 -2.18
N ALA A 71 -32.73 -3.86 -1.22
CA ALA A 71 -32.95 -4.98 -0.31
C ALA A 71 -34.17 -4.73 0.57
N VAL A 72 -34.29 -3.53 1.12
CA VAL A 72 -35.43 -3.21 1.97
C VAL A 72 -36.73 -3.31 1.18
N LYS A 73 -36.70 -2.94 -0.09
CA LYS A 73 -37.88 -3.02 -0.96
C LYS A 73 -38.17 -4.43 -1.44
N GLY A 74 -37.37 -5.41 -1.06
CA GLY A 74 -37.66 -6.81 -1.36
C GLY A 74 -36.97 -7.38 -2.58
N GLY A 75 -36.07 -6.63 -3.21
CA GLY A 75 -35.41 -7.15 -4.40
C GLY A 75 -34.49 -8.31 -4.11
N PHE A 76 -33.85 -8.31 -2.94
CA PHE A 76 -32.93 -9.37 -2.56
C PHE A 76 -32.72 -9.29 -1.05
N GLU A 77 -32.14 -10.35 -0.49
CA GLU A 77 -31.65 -10.35 0.88
C GLU A 77 -30.13 -10.40 0.85
N LEU A 78 -29.50 -9.80 1.87
CA LEU A 78 -28.05 -9.67 1.86
C LEU A 78 -27.35 -11.02 1.89
N ASP A 79 -27.96 -12.03 2.51
CA ASP A 79 -27.35 -13.35 2.53
C ASP A 79 -27.67 -14.19 1.29
N ASP A 80 -28.43 -13.67 0.32
CA ASP A 80 -28.67 -14.39 -0.92
C ASP A 80 -27.36 -14.61 -1.66
N LYS A 81 -27.24 -15.76 -2.33
CA LYS A 81 -26.11 -15.92 -3.22
C LYS A 81 -26.26 -14.99 -4.43
N VAL A 82 -25.13 -14.47 -4.88
CA VAL A 82 -25.13 -13.50 -5.97
C VAL A 82 -25.83 -14.04 -7.22
N SER A 83 -25.59 -15.31 -7.56
CA SER A 83 -26.19 -15.84 -8.77
C SER A 83 -27.71 -16.02 -8.68
N GLN A 84 -28.30 -15.91 -7.48
CA GLN A 84 -29.76 -15.84 -7.40
CA GLN A 84 -29.75 -15.86 -7.42
C GLN A 84 -30.30 -14.63 -8.14
N HIS A 85 -29.46 -13.61 -8.34
CA HIS A 85 -29.89 -12.34 -8.91
C HIS A 85 -29.18 -12.01 -10.22
N ALA A 86 -28.57 -13.02 -10.85
CA ALA A 86 -27.98 -12.86 -12.17
C ALA A 86 -27.97 -14.23 -12.82
N PRO A 87 -28.97 -14.53 -13.66
CA PRO A 87 -28.99 -15.85 -14.32
C PRO A 87 -27.70 -16.17 -15.07
N TRP A 88 -27.05 -15.16 -15.62
CA TRP A 88 -25.80 -15.37 -16.34
C TRP A 88 -24.63 -15.71 -15.43
N LEU A 89 -24.79 -15.65 -14.11
CA LEU A 89 -23.77 -16.11 -13.19
C LEU A 89 -24.06 -17.48 -12.60
N LYS A 90 -25.17 -18.11 -12.99
CA LYS A 90 -25.47 -19.41 -12.41
C LYS A 90 -24.40 -20.42 -12.80
N GLY A 91 -23.95 -21.21 -11.82
CA GLY A 91 -22.88 -22.16 -12.04
C GLY A 91 -21.48 -21.62 -11.86
N SER A 92 -21.33 -20.31 -11.71
CA SER A 92 -20.03 -19.67 -11.55
C SER A 92 -19.64 -19.64 -10.07
N ALA A 93 -18.47 -19.05 -9.79
CA ALA A 93 -18.06 -18.87 -8.41
C ALA A 93 -19.09 -18.08 -7.62
N PHE A 94 -19.93 -17.32 -8.29
CA PHE A 94 -20.88 -16.48 -7.56
C PHE A 94 -22.08 -17.27 -7.04
N ASP A 95 -22.16 -18.57 -7.34
CA ASP A 95 -23.03 -19.46 -6.58
C ASP A 95 -22.67 -19.48 -5.11
N GLY A 96 -21.42 -19.15 -4.77
CA GLY A 96 -20.95 -19.34 -3.42
C GLY A 96 -20.55 -18.05 -2.72
N VAL A 97 -20.98 -16.92 -3.29
CA VAL A 97 -20.72 -15.58 -2.76
C VAL A 97 -22.06 -14.94 -2.42
N THR A 98 -22.14 -14.28 -1.25
CA THR A 98 -23.37 -13.56 -0.93
C THR A 98 -23.34 -12.11 -1.43
N MET A 99 -24.54 -11.54 -1.55
CA MET A 99 -24.65 -10.14 -1.91
C MET A 99 -23.89 -9.25 -0.92
N ALA A 100 -23.96 -9.59 0.38
CA ALA A 100 -23.22 -8.82 1.37
C ALA A 100 -21.71 -8.92 1.17
N GLU A 101 -21.19 -10.11 0.86
CA GLU A 101 -19.76 -10.25 0.63
C GLU A 101 -19.35 -9.42 -0.58
N LEU A 102 -20.19 -9.41 -1.61
CA LEU A 102 -19.90 -8.60 -2.79
C LEU A 102 -19.81 -7.12 -2.44
N ALA A 103 -20.75 -6.63 -1.63
CA ALA A 103 -20.79 -5.23 -1.28
C ALA A 103 -19.65 -4.81 -0.37
N THR A 104 -19.06 -5.75 0.38
CA THR A 104 -18.07 -5.46 1.40
C THR A 104 -16.68 -5.96 1.02
N TYR A 105 -16.48 -6.28 -0.25
CA TYR A 105 -15.17 -6.62 -0.82
C TYR A 105 -14.61 -7.93 -0.24
N SER A 106 -15.48 -8.84 0.21
CA SER A 106 -15.01 -10.08 0.82
C SER A 106 -15.43 -11.31 0.01
N ALA A 107 -15.74 -11.13 -1.27
CA ALA A 107 -16.13 -12.26 -2.11
C ALA A 107 -15.00 -13.26 -2.28
N GLY A 108 -13.75 -12.83 -2.14
CA GLY A 108 -12.61 -13.73 -2.25
C GLY A 108 -11.52 -13.27 -3.19
N GLY A 109 -11.21 -11.98 -3.19
CA GLY A 109 -10.09 -11.48 -3.97
C GLY A 109 -10.41 -10.95 -5.35
N LEU A 110 -11.61 -10.44 -5.56
CA LEU A 110 -11.83 -9.60 -6.73
C LEU A 110 -10.86 -8.42 -6.67
N PRO A 111 -10.33 -7.99 -7.80
CA PRO A 111 -9.23 -7.01 -7.78
C PRO A 111 -9.75 -5.58 -7.68
N LEU A 112 -8.80 -4.68 -7.44
CA LEU A 112 -9.13 -3.26 -7.32
C LEU A 112 -9.81 -2.76 -8.59
N GLN A 113 -9.25 -3.08 -9.76
CA GLN A 113 -9.81 -2.70 -11.04
C GLN A 113 -10.04 -3.92 -11.92
N PHE A 114 -10.97 -3.77 -12.86
CA PHE A 114 -11.08 -4.75 -13.94
C PHE A 114 -9.76 -4.80 -14.69
N PRO A 115 -9.41 -5.97 -15.21
CA PRO A 115 -8.31 -6.03 -16.17
C PRO A 115 -8.58 -5.09 -17.32
N ASP A 116 -7.51 -4.56 -17.92
CA ASP A 116 -7.66 -3.54 -18.96
C ASP A 116 -8.53 -4.03 -20.12
N GLU A 117 -8.53 -5.33 -20.39
CA GLU A 117 -9.25 -5.84 -21.54
C GLU A 117 -10.77 -5.83 -21.38
N VAL A 118 -11.28 -5.65 -20.16
CA VAL A 118 -12.72 -5.61 -19.94
C VAL A 118 -13.21 -4.22 -20.29
N ASP A 119 -13.82 -4.06 -21.47
CA ASP A 119 -14.30 -2.75 -21.92
C ASP A 119 -15.68 -2.82 -22.55
N SER A 120 -16.49 -3.81 -22.16
CA SER A 120 -17.85 -3.92 -22.66
C SER A 120 -18.66 -4.72 -21.66
N ASN A 121 -19.99 -4.57 -21.75
CA ASN A 121 -20.87 -5.36 -20.90
C ASN A 121 -20.67 -6.84 -21.13
N ASP A 122 -20.48 -7.25 -22.39
CA ASP A 122 -20.28 -8.66 -22.68
C ASP A 122 -18.99 -9.17 -22.06
N LYS A 123 -17.90 -8.42 -22.21
CA LYS A 123 -16.63 -8.82 -21.61
C LYS A 123 -16.71 -8.79 -20.09
N MET A 124 -17.54 -7.90 -19.54
CA MET A 124 -17.73 -7.87 -18.09
CA MET A 124 -17.72 -7.88 -18.09
C MET A 124 -18.38 -9.16 -17.60
N GLN A 125 -19.43 -9.59 -18.28
CA GLN A 125 -20.09 -10.84 -17.87
C GLN A 125 -19.14 -12.01 -17.98
N THR A 126 -18.38 -12.08 -19.08
CA THR A 126 -17.39 -13.13 -19.22
C THR A 126 -16.37 -13.09 -18.10
N TYR A 127 -15.93 -11.89 -17.71
CA TYR A 127 -14.95 -11.77 -16.64
C TYR A 127 -15.46 -12.39 -15.35
N TYR A 128 -16.69 -12.06 -14.96
CA TYR A 128 -17.20 -12.64 -13.72
C TYR A 128 -17.45 -14.13 -13.87
N ARG A 129 -17.89 -14.57 -15.04
CA ARG A 129 -18.19 -15.98 -15.23
C ARG A 129 -16.93 -16.84 -15.17
N SER A 130 -15.77 -16.27 -15.48
CA SER A 130 -14.52 -17.01 -15.46
C SER A 130 -13.65 -16.68 -14.27
N TRP A 131 -14.16 -15.87 -13.33
CA TRP A 131 -13.34 -15.42 -12.23
C TRP A 131 -13.01 -16.59 -11.29
N SER A 132 -11.73 -16.69 -10.90
CA SER A 132 -11.27 -17.71 -9.97
C SER A 132 -10.99 -17.06 -8.63
N PRO A 133 -11.69 -17.43 -7.57
CA PRO A 133 -11.43 -16.85 -6.25
C PRO A 133 -9.99 -17.08 -5.82
N VAL A 134 -9.43 -16.06 -5.16
CA VAL A 134 -8.13 -16.14 -4.50
C VAL A 134 -8.26 -16.71 -3.09
N TYR A 135 -9.37 -16.45 -2.42
CA TYR A 135 -9.62 -16.82 -1.04
C TYR A 135 -11.04 -17.36 -0.90
N PRO A 136 -11.29 -18.17 0.13
CA PRO A 136 -12.67 -18.56 0.43
C PRO A 136 -13.53 -17.33 0.69
N ALA A 137 -14.82 -17.45 0.37
CA ALA A 137 -15.73 -16.33 0.53
C ALA A 137 -15.83 -15.91 1.98
N GLY A 138 -15.85 -14.60 2.20
CA GLY A 138 -16.07 -14.03 3.51
C GLY A 138 -14.87 -14.00 4.44
N THR A 139 -13.69 -14.42 3.99
CA THR A 139 -12.55 -14.49 4.90
C THR A 139 -11.53 -13.37 4.69
N HIS A 140 -11.50 -12.75 3.52
CA HIS A 140 -10.48 -11.75 3.20
C HIS A 140 -11.15 -10.55 2.54
N ARG A 141 -10.66 -9.37 2.89
CA ARG A 141 -11.13 -8.10 2.33
C ARG A 141 -10.08 -7.59 1.36
N GLN A 142 -10.49 -7.39 0.11
CA GLN A 142 -9.66 -6.72 -0.89
C GLN A 142 -10.53 -5.64 -1.53
N TYR A 143 -10.22 -4.38 -1.25
CA TYR A 143 -11.05 -3.30 -1.78
C TYR A 143 -11.10 -3.42 -3.31
N SER A 144 -12.31 -3.31 -3.87
CA SER A 144 -12.50 -3.72 -5.25
C SER A 144 -13.65 -2.97 -5.92
N ASN A 145 -13.34 -2.30 -7.05
CA ASN A 145 -14.41 -1.70 -7.84
C ASN A 145 -15.30 -2.75 -8.48
N PRO A 146 -14.76 -3.82 -9.09
CA PRO A 146 -15.64 -4.87 -9.62
C PRO A 146 -16.58 -5.45 -8.59
N SER A 147 -16.15 -5.54 -7.32
CA SER A 147 -16.99 -6.18 -6.30
C SER A 147 -18.23 -5.34 -6.00
N ILE A 148 -18.04 -4.10 -5.52
CA ILE A 148 -19.23 -3.31 -5.20
C ILE A 148 -19.93 -2.84 -6.46
N GLY A 149 -19.19 -2.71 -7.57
CA GLY A 149 -19.82 -2.43 -8.85
C GLY A 149 -20.88 -3.44 -9.21
N LEU A 150 -20.54 -4.72 -9.12
CA LEU A 150 -21.52 -5.76 -9.41
C LEU A 150 -22.67 -5.74 -8.43
N PHE A 151 -22.38 -5.50 -7.15
CA PHE A 151 -23.45 -5.37 -6.14
C PHE A 151 -24.45 -4.29 -6.55
N GLY A 152 -23.96 -3.11 -6.92
CA GLY A 152 -24.87 -2.04 -7.29
C GLY A 152 -25.69 -2.37 -8.53
N HIS A 153 -25.03 -2.94 -9.54
CA HIS A 153 -25.69 -3.35 -10.77
C HIS A 153 -26.79 -4.36 -10.50
N LEU A 154 -26.49 -5.42 -9.76
CA LEU A 154 -27.49 -6.44 -9.50
C LEU A 154 -28.56 -5.97 -8.53
N ALA A 155 -28.21 -5.14 -7.55
CA ALA A 155 -29.22 -4.63 -6.64
C ALA A 155 -30.29 -3.85 -7.40
N ALA A 156 -29.87 -2.96 -8.30
CA ALA A 156 -30.84 -2.19 -9.05
C ALA A 156 -31.68 -3.10 -9.94
N ASN A 157 -31.04 -4.05 -10.62
CA ASN A 157 -31.81 -4.91 -11.50
C ASN A 157 -32.73 -5.85 -10.74
N SER A 158 -32.51 -6.05 -9.43
CA SER A 158 -33.47 -6.83 -8.64
C SER A 158 -34.80 -6.13 -8.48
N LEU A 159 -34.86 -4.81 -8.74
CA LEU A 159 -36.12 -4.10 -8.84
C LEU A 159 -36.54 -3.86 -10.29
N GLY A 160 -35.88 -4.50 -11.24
CA GLY A 160 -36.21 -4.30 -12.64
C GLY A 160 -35.74 -3.00 -13.24
N GLN A 161 -34.73 -2.35 -12.63
CA GLN A 161 -34.26 -1.05 -13.11
C GLN A 161 -32.75 -1.07 -13.32
N PRO A 162 -32.26 -0.37 -14.34
CA PRO A 162 -30.81 -0.13 -14.43
C PRO A 162 -30.36 0.72 -13.26
N PHE A 163 -29.09 0.52 -12.88
CA PHE A 163 -28.52 1.29 -11.77
C PHE A 163 -28.74 2.78 -11.93
N GLU A 164 -28.44 3.32 -13.12
CA GLU A 164 -28.54 4.75 -13.35
CA GLU A 164 -28.54 4.75 -13.34
C GLU A 164 -29.97 5.25 -13.13
N GLN A 165 -30.96 4.44 -13.53
CA GLN A 165 -32.35 4.84 -13.37
C GLN A 165 -32.72 4.88 -11.89
N LEU A 166 -32.43 3.81 -11.16
CA LEU A 166 -32.80 3.76 -9.76
C LEU A 166 -32.09 4.86 -8.99
N MET A 167 -30.82 5.13 -9.32
CA MET A 167 -30.07 6.19 -8.63
C MET A 167 -30.64 7.57 -8.94
N SER A 168 -30.81 7.88 -10.23
CA SER A 168 -31.17 9.23 -10.65
C SER A 168 -32.63 9.56 -10.39
N GLN A 169 -33.53 8.58 -10.52
CA GLN A 169 -34.97 8.81 -10.42
C GLN A 169 -35.56 8.54 -9.05
N THR A 170 -34.92 7.71 -8.23
CA THR A 170 -35.47 7.35 -6.94
C THR A 170 -34.57 7.78 -5.80
N LEU A 171 -33.34 7.26 -5.72
CA LEU A 171 -32.50 7.49 -4.54
C LEU A 171 -32.12 8.97 -4.40
N LEU A 172 -31.54 9.55 -5.45
CA LEU A 172 -31.10 10.94 -5.31
C LEU A 172 -32.27 11.89 -5.04
N PRO A 173 -33.40 11.79 -5.76
CA PRO A 173 -34.52 12.69 -5.41
C PRO A 173 -35.04 12.48 -3.99
N LYS A 174 -35.18 11.23 -3.54
CA LYS A 174 -35.67 11.00 -2.20
C LYS A 174 -34.70 11.50 -1.13
N LEU A 175 -33.40 11.52 -1.43
CA LEU A 175 -32.42 12.09 -0.50
C LEU A 175 -32.38 13.61 -0.56
N GLY A 176 -33.05 14.21 -1.55
CA GLY A 176 -33.00 15.65 -1.72
C GLY A 176 -31.78 16.15 -2.44
N LEU A 177 -31.11 15.30 -3.21
CA LEU A 177 -29.88 15.67 -3.90
C LEU A 177 -30.25 15.96 -5.36
N HIS A 178 -30.50 17.23 -5.66
CA HIS A 178 -31.01 17.61 -6.97
C HIS A 178 -29.93 18.11 -7.89
N HIS A 179 -28.70 18.23 -7.41
CA HIS A 179 -27.59 18.66 -8.23
C HIS A 179 -26.44 17.67 -8.10
N THR A 180 -26.78 16.39 -8.17
CA THR A 180 -25.85 15.27 -8.04
C THR A 180 -26.05 14.36 -9.24
N TYR A 181 -24.96 13.99 -9.92
CA TYR A 181 -25.10 13.43 -11.26
C TYR A 181 -24.15 12.26 -11.48
N ILE A 182 -24.65 11.25 -12.19
CA ILE A 182 -23.77 10.25 -12.79
C ILE A 182 -23.12 10.81 -14.05
N GLN A 183 -23.90 11.47 -14.90
CA GLN A 183 -23.39 12.21 -16.04
C GLN A 183 -23.89 13.64 -15.92
N VAL A 184 -22.96 14.60 -15.95
CA VAL A 184 -23.30 16.01 -15.77
C VAL A 184 -24.12 16.48 -16.96
N PRO A 185 -25.31 17.03 -16.75
CA PRO A 185 -26.15 17.48 -17.88
C PRO A 185 -25.65 18.80 -18.44
N GLU A 186 -26.19 19.14 -19.62
CA GLU A 186 -25.78 20.36 -20.31
C GLU A 186 -26.00 21.59 -19.43
N SER A 187 -27.16 21.67 -18.80
CA SER A 187 -27.52 22.82 -17.97
C SER A 187 -26.55 23.06 -16.82
N ALA A 188 -25.66 22.10 -16.52
CA ALA A 188 -24.79 22.22 -15.36
C ALA A 188 -23.30 22.25 -15.69
N MET A 189 -22.92 22.21 -16.97
CA MET A 189 -21.50 22.19 -17.30
CA MET A 189 -21.50 22.20 -17.31
C MET A 189 -20.79 23.45 -16.81
N ALA A 190 -21.49 24.58 -16.70
CA ALA A 190 -20.87 25.79 -16.19
C ALA A 190 -20.32 25.60 -14.77
N ASN A 191 -20.82 24.62 -14.03
CA ASN A 191 -20.44 24.39 -12.64
C ASN A 191 -19.44 23.27 -12.47
N TYR A 192 -19.09 22.56 -13.55
CA TYR A 192 -18.24 21.37 -13.46
C TYR A 192 -16.78 21.80 -13.46
N ALA A 193 -16.10 21.59 -12.33
CA ALA A 193 -14.67 21.85 -12.23
C ALA A 193 -13.87 20.98 -13.20
N TYR A 194 -12.69 21.45 -13.56
CA TYR A 194 -11.68 20.56 -14.10
C TYR A 194 -10.83 20.01 -12.96
N GLY A 195 -10.40 18.76 -13.13
CA GLY A 195 -9.39 18.21 -12.27
C GLY A 195 -8.00 18.45 -12.82
N TYR A 196 -7.01 18.32 -11.94
CA TYR A 196 -5.62 18.54 -12.32
C TYR A 196 -4.79 17.36 -11.86
N SER A 197 -4.12 16.72 -12.81
CA SER A 197 -3.46 15.44 -12.58
C SER A 197 -2.23 15.62 -11.69
N LYS A 198 -1.73 14.48 -11.18
CA LYS A 198 -0.47 14.49 -10.44
C LYS A 198 0.70 14.92 -11.30
N GLU A 199 0.53 14.82 -12.63
CA GLU A 199 1.44 15.40 -13.60
C GLU A 199 1.04 16.82 -14.00
N ASP A 200 -0.15 17.26 -13.56
CA ASP A 200 -0.68 18.62 -13.63
C ASP A 200 -1.34 18.98 -14.96
N LYS A 201 -1.97 18.02 -15.64
CA LYS A 201 -2.79 18.44 -16.76
C LYS A 201 -4.25 18.56 -16.35
N PRO A 202 -5.03 19.41 -17.00
CA PRO A 202 -6.48 19.40 -16.80
C PRO A 202 -7.05 18.07 -17.27
N ILE A 203 -7.83 17.42 -16.43
CA ILE A 203 -8.33 16.09 -16.74
C ILE A 203 -9.72 15.93 -16.14
N ARG A 204 -10.56 15.18 -16.83
CA ARG A 204 -11.88 14.80 -16.35
C ARG A 204 -12.06 13.29 -16.48
N ALA A 205 -13.14 12.80 -15.86
CA ALA A 205 -13.29 11.38 -15.61
C ALA A 205 -13.30 10.56 -16.88
N THR A 206 -12.61 9.42 -16.82
CA THR A 206 -12.67 8.43 -17.89
C THR A 206 -13.81 7.46 -17.62
N PRO A 207 -14.86 7.42 -18.47
CA PRO A 207 -15.89 6.40 -18.30
C PRO A 207 -15.29 5.00 -18.35
N GLY A 208 -15.93 4.08 -17.63
CA GLY A 208 -15.44 2.71 -17.56
C GLY A 208 -16.55 1.78 -17.12
N VAL A 209 -16.22 0.49 -17.11
CA VAL A 209 -17.23 -0.52 -16.79
C VAL A 209 -17.58 -0.40 -15.31
N LEU A 210 -18.88 -0.21 -15.04
CA LEU A 210 -19.39 -0.03 -13.69
C LEU A 210 -18.76 1.17 -12.99
N ALA A 211 -18.32 2.15 -13.78
CA ALA A 211 -17.81 3.38 -13.18
C ALA A 211 -18.89 4.07 -12.35
N ALA A 212 -20.13 4.09 -12.84
CA ALA A 212 -21.19 4.80 -12.13
C ALA A 212 -21.31 4.27 -10.70
N GLU A 213 -21.30 2.94 -10.56
CA GLU A 213 -21.45 2.31 -9.25
C GLU A 213 -20.24 2.55 -8.36
N ALA A 214 -19.04 2.47 -8.92
CA ALA A 214 -17.84 2.40 -8.09
C ALA A 214 -17.17 3.76 -7.87
N TYR A 215 -17.27 4.71 -8.82
CA TYR A 215 -16.48 5.94 -8.63
C TYR A 215 -16.95 7.11 -9.50
N GLY A 216 -18.19 7.14 -9.98
CA GLY A 216 -18.56 8.08 -11.03
C GLY A 216 -19.51 9.22 -10.71
N ILE A 217 -19.80 9.51 -9.44
CA ILE A 217 -20.70 10.61 -9.09
C ILE A 217 -19.96 11.94 -9.18
N LYS A 218 -20.65 12.95 -9.71
CA LYS A 218 -20.22 14.34 -9.65
C LYS A 218 -21.20 15.11 -8.78
N THR A 219 -20.68 15.88 -7.83
CA THR A 219 -21.57 16.68 -6.98
C THR A 219 -20.74 17.75 -6.30
N GLY A 220 -21.44 18.69 -5.68
CA GLY A 220 -20.81 19.72 -4.89
C GLY A 220 -20.88 19.42 -3.41
N SER A 221 -20.24 20.30 -2.63
CA SER A 221 -20.14 20.08 -1.20
C SER A 221 -21.50 20.22 -0.52
N ALA A 222 -22.36 21.10 -1.02
CA ALA A 222 -23.67 21.27 -0.42
C ALA A 222 -24.52 20.01 -0.56
N ASP A 223 -24.58 19.45 -1.77
CA ASP A 223 -25.36 18.23 -1.95
C ASP A 223 -24.75 17.08 -1.16
N LEU A 224 -23.42 16.93 -1.19
CA LEU A 224 -22.78 15.84 -0.45
C LEU A 224 -23.00 15.98 1.06
N LEU A 225 -22.95 17.21 1.58
CA LEU A 225 -23.24 17.37 3.01
C LEU A 225 -24.69 17.01 3.31
N LYS A 226 -25.62 17.29 2.38
CA LYS A 226 -27.02 16.91 2.61
C LYS A 226 -27.17 15.39 2.72
N PHE A 227 -26.41 14.64 1.92
CA PHE A 227 -26.42 13.19 2.05
C PHE A 227 -25.85 12.76 3.40
N VAL A 228 -24.78 13.40 3.84
CA VAL A 228 -24.24 13.10 5.16
C VAL A 228 -25.28 13.42 6.22
N GLU A 229 -26.01 14.53 6.05
CA GLU A 229 -27.08 14.87 6.99
C GLU A 229 -28.11 13.74 7.13
N ALA A 230 -28.45 13.09 6.02
CA ALA A 230 -29.38 11.97 6.09
C ALA A 230 -28.80 10.81 6.88
N ASN A 231 -27.48 10.73 6.96
CA ASN A 231 -26.82 9.68 7.73
C ASN A 231 -26.74 10.00 9.21
N MET A 232 -27.28 11.14 9.64
CA MET A 232 -27.19 11.57 11.04
C MET A 232 -28.60 11.91 11.51
N GLY A 233 -29.33 10.88 11.93
CA GLY A 233 -30.69 11.06 12.41
C GLY A 233 -31.70 11.42 11.34
N TYR A 234 -31.63 10.79 10.18
CA TYR A 234 -32.61 11.00 9.12
C TYR A 234 -34.02 10.84 9.65
N GLN A 235 -34.81 11.89 9.49
CA GLN A 235 -36.24 11.87 9.79
C GLN A 235 -36.97 11.79 8.46
N GLY A 236 -37.61 10.66 8.20
CA GLY A 236 -38.36 10.61 6.96
C GLY A 236 -38.78 9.19 6.62
N ASP A 237 -38.80 8.95 5.31
CA ASP A 237 -39.28 7.71 4.72
C ASP A 237 -38.70 6.47 5.39
N ALA A 238 -39.57 5.53 5.76
CA ALA A 238 -39.15 4.33 6.46
C ALA A 238 -38.19 3.48 5.62
N ALA A 239 -38.50 3.29 4.34
CA ALA A 239 -37.64 2.47 3.50
C ALA A 239 -36.24 3.08 3.38
N LEU A 240 -36.17 4.41 3.16
CA LEU A 240 -34.87 5.05 3.02
C LEU A 240 -34.14 5.07 4.35
N LYS A 241 -34.85 5.28 5.46
CA LYS A 241 -34.22 5.23 6.78
C LYS A 241 -33.67 3.83 7.07
N SER A 242 -34.40 2.78 6.69
CA SER A 242 -33.91 1.43 6.89
C SER A 242 -32.71 1.17 6.01
N ALA A 243 -32.73 1.71 4.77
CA ALA A 243 -31.58 1.57 3.88
C ALA A 243 -30.34 2.21 4.49
N ILE A 244 -30.48 3.44 4.98
CA ILE A 244 -29.34 4.11 5.60
C ILE A 244 -28.84 3.31 6.81
N ALA A 245 -29.76 2.75 7.60
CA ALA A 245 -29.33 1.96 8.75
C ALA A 245 -28.50 0.75 8.34
N LEU A 246 -28.86 0.13 7.21
CA LEU A 246 -28.08 -1.00 6.72
C LEU A 246 -26.67 -0.56 6.36
N THR A 247 -26.50 0.69 5.88
CA THR A 247 -25.15 1.13 5.57
C THR A 247 -24.32 1.37 6.83
N HIS A 248 -24.97 1.51 7.99
CA HIS A 248 -24.32 1.62 9.28
C HIS A 248 -24.20 0.28 9.98
N THR A 249 -24.46 -0.81 9.28
CA THR A 249 -24.29 -2.14 9.80
C THR A 249 -22.91 -2.64 9.43
N GLY A 250 -22.24 -3.31 10.38
CA GLY A 250 -20.89 -3.81 10.18
C GLY A 250 -20.92 -5.28 9.82
N PHE A 251 -20.07 -5.64 8.87
CA PHE A 251 -20.06 -7.00 8.35
C PHE A 251 -18.78 -7.76 8.65
N HIS A 252 -17.69 -7.06 8.90
CA HIS A 252 -16.41 -7.62 9.34
C HIS A 252 -15.54 -6.45 9.74
N SER A 253 -14.37 -6.77 10.29
CA SER A 253 -13.44 -5.70 10.60
C SER A 253 -12.03 -6.09 10.19
N VAL A 254 -11.23 -5.06 9.90
CA VAL A 254 -9.80 -5.21 9.62
C VAL A 254 -9.09 -4.25 10.55
N GLY A 255 -8.31 -4.78 11.49
CA GLY A 255 -7.78 -3.91 12.54
C GLY A 255 -8.91 -3.18 13.24
N GLU A 256 -8.75 -1.86 13.39
CA GLU A 256 -9.72 -1.03 14.08
C GLU A 256 -10.84 -0.53 13.19
N MET A 257 -10.85 -0.92 11.91
CA MET A 257 -11.85 -0.43 10.98
C MET A 257 -12.93 -1.51 10.80
N THR A 258 -14.19 -1.11 10.85
CA THR A 258 -15.32 -2.00 10.58
C THR A 258 -15.93 -1.64 9.23
N GLN A 259 -16.08 -2.65 8.38
CA GLN A 259 -16.56 -2.48 7.02
C GLN A 259 -18.09 -2.52 7.02
N GLY A 260 -18.71 -1.41 6.63
CA GLY A 260 -20.13 -1.37 6.41
C GLY A 260 -20.43 -1.50 4.94
N LEU A 261 -21.66 -1.15 4.56
CA LEU A 261 -21.97 -1.01 3.15
C LEU A 261 -21.55 0.39 2.74
N GLY A 262 -20.47 0.48 1.95
CA GLY A 262 -19.95 1.77 1.52
C GLY A 262 -19.12 2.43 2.61
N TRP A 263 -19.76 2.81 3.72
CA TRP A 263 -19.04 3.46 4.80
C TRP A 263 -18.11 2.49 5.50
N GLU A 264 -16.93 2.99 5.90
CA GLU A 264 -16.01 2.33 6.82
C GLU A 264 -16.01 3.12 8.12
N SER A 265 -16.02 2.44 9.26
CA SER A 265 -16.17 3.17 10.51
C SER A 265 -15.23 2.70 11.60
N TYR A 266 -15.09 3.58 12.60
CA TYR A 266 -14.16 3.45 13.71
C TYR A 266 -14.87 3.82 15.00
N ASP A 267 -14.47 3.19 16.10
CA ASP A 267 -14.89 3.69 17.42
C ASP A 267 -14.59 5.18 17.51
N TYR A 268 -15.45 5.92 18.19
CA TYR A 268 -15.17 7.33 18.43
C TYR A 268 -15.17 7.52 19.95
N PRO A 269 -14.13 8.14 20.51
CA PRO A 269 -13.00 8.82 19.85
C PRO A 269 -12.02 7.91 19.11
N VAL A 270 -11.41 8.46 18.07
CA VAL A 270 -10.43 7.74 17.25
C VAL A 270 -9.16 8.59 17.17
N THR A 271 -8.00 7.94 17.30
CA THR A 271 -6.76 8.69 17.17
C THR A 271 -6.42 8.91 15.71
N GLU A 272 -5.63 9.96 15.46
CA GLU A 272 -5.15 10.20 14.11
C GLU A 272 -4.39 8.99 13.58
N GLN A 273 -3.58 8.36 14.43
CA GLN A 273 -2.80 7.21 14.01
C GLN A 273 -3.69 6.07 13.55
N VAL A 274 -4.81 5.83 14.24
CA VAL A 274 -5.70 4.75 13.87
C VAL A 274 -6.41 5.08 12.57
N LEU A 275 -6.87 6.32 12.41
CA LEU A 275 -7.58 6.70 11.20
C LEU A 275 -6.64 6.67 10.00
N LEU A 276 -5.39 7.07 10.19
CA LEU A 276 -4.42 6.99 9.10
C LEU A 276 -4.16 5.54 8.72
N ALA A 277 -4.03 4.67 9.72
CA ALA A 277 -3.70 3.27 9.42
C ALA A 277 -4.83 2.60 8.64
N GLY A 278 -6.08 2.88 9.02
CA GLY A 278 -7.23 2.26 8.38
C GLY A 278 -7.43 2.70 6.95
N ASN A 279 -6.89 3.87 6.59
CA ASN A 279 -7.02 4.42 5.24
C ASN A 279 -5.72 4.32 4.45
N SER A 280 -4.75 3.53 4.91
CA SER A 280 -3.46 3.41 4.26
C SER A 280 -3.48 2.22 3.31
N PRO A 281 -2.49 2.13 2.41
CA PRO A 281 -2.44 0.99 1.48
C PRO A 281 -2.29 -0.35 2.17
N ALA A 282 -1.81 -0.39 3.43
CA ALA A 282 -1.83 -1.65 4.16
C ALA A 282 -3.24 -2.20 4.30
N VAL A 283 -4.25 -1.35 4.21
CA VAL A 283 -5.63 -1.80 4.20
C VAL A 283 -6.22 -1.78 2.79
N SER A 284 -5.88 -0.76 1.98
CA SER A 284 -6.58 -0.52 0.73
C SER A 284 -5.96 -1.18 -0.49
N PHE A 285 -4.73 -1.67 -0.40
CA PHE A 285 -4.02 -2.17 -1.57
C PHE A 285 -3.90 -3.69 -1.61
N GLN A 286 -3.86 -4.32 -0.44
CA GLN A 286 -3.62 -5.75 -0.31
CA GLN A 286 -3.65 -5.76 -0.38
C GLN A 286 -4.79 -6.43 0.36
N ALA A 287 -4.90 -7.72 0.12
CA ALA A 287 -5.95 -8.54 0.71
C ALA A 287 -5.59 -8.91 2.13
N ASN A 288 -6.50 -8.64 3.06
CA ASN A 288 -6.30 -8.86 4.48
C ASN A 288 -7.31 -9.84 5.04
N PRO A 289 -6.88 -10.78 5.89
CA PRO A 289 -7.84 -11.65 6.58
C PRO A 289 -8.66 -10.82 7.57
N VAL A 290 -9.97 -11.03 7.56
CA VAL A 290 -10.88 -10.20 8.35
C VAL A 290 -11.18 -10.87 9.68
N THR A 291 -11.54 -10.05 10.65
CA THR A 291 -12.25 -10.49 11.83
C THR A 291 -13.71 -10.69 11.44
N ARG A 292 -14.22 -11.90 11.65
CA ARG A 292 -15.53 -12.29 11.12
C ARG A 292 -16.61 -12.08 12.16
N PHE A 293 -17.80 -11.67 11.68
CA PHE A 293 -18.98 -11.51 12.49
C PHE A 293 -19.97 -12.63 12.14
N ALA A 294 -20.44 -13.37 13.15
CA ALA A 294 -21.40 -14.44 12.86
C ALA A 294 -22.71 -13.86 12.32
N VAL A 295 -23.10 -12.70 12.84
CA VAL A 295 -24.24 -11.96 12.28
C VAL A 295 -23.82 -10.50 12.10
N PRO A 296 -24.32 -9.82 11.08
CA PRO A 296 -24.01 -8.38 10.96
C PRO A 296 -24.48 -7.60 12.18
N LYS A 297 -23.75 -6.53 12.46
CA LYS A 297 -23.88 -5.77 13.70
C LYS A 297 -24.31 -4.35 13.38
N ALA A 298 -25.43 -3.90 13.95
CA ALA A 298 -25.74 -2.48 13.88
C ALA A 298 -24.68 -1.72 14.68
N MET A 299 -23.98 -0.78 14.04
CA MET A 299 -22.75 -0.29 14.65
C MET A 299 -22.96 0.84 15.65
N GLY A 300 -23.94 1.70 15.45
CA GLY A 300 -24.23 2.72 16.44
C GLY A 300 -23.72 4.09 16.04
N GLU A 301 -24.18 5.09 16.79
CA GLU A 301 -23.98 6.47 16.40
CA GLU A 301 -23.99 6.49 16.43
C GLU A 301 -22.65 7.05 16.87
N GLN A 302 -22.05 6.48 17.92
CA GLN A 302 -20.83 7.06 18.50
C GLN A 302 -19.59 6.51 17.80
N ARG A 303 -19.55 6.78 16.50
CA ARG A 303 -18.52 6.22 15.63
C ARG A 303 -18.18 7.24 14.57
N LEU A 304 -16.93 7.17 14.09
CA LEU A 304 -16.51 7.95 12.93
C LEU A 304 -16.74 7.09 11.69
N TYR A 305 -17.66 7.54 10.84
CA TYR A 305 -17.89 6.95 9.52
C TYR A 305 -17.16 7.77 8.47
N ASN A 306 -16.49 7.11 7.53
CA ASN A 306 -15.74 7.86 6.53
C ASN A 306 -15.66 7.13 5.19
N LYS A 307 -15.30 7.89 4.16
CA LYS A 307 -14.96 7.31 2.86
C LYS A 307 -14.07 8.28 2.10
N THR A 308 -12.97 7.76 1.55
CA THR A 308 -12.07 8.46 0.64
C THR A 308 -12.50 8.20 -0.81
N GLY A 309 -12.14 9.12 -1.70
CA GLY A 309 -12.36 8.90 -3.13
C GLY A 309 -11.42 9.75 -3.94
N SER A 310 -11.05 9.26 -5.12
CA SER A 310 -10.14 9.98 -6.00
C SER A 310 -10.47 9.64 -7.44
N THR A 311 -10.15 10.58 -8.35
CA THR A 311 -10.07 10.29 -9.77
C THR A 311 -8.75 10.86 -10.27
N GLY A 312 -8.51 10.79 -11.58
CA GLY A 312 -7.26 11.28 -12.13
C GLY A 312 -6.93 12.68 -11.66
N GLY A 313 -7.92 13.55 -11.57
CA GLY A 313 -7.66 14.92 -11.19
C GLY A 313 -8.36 15.42 -9.94
N PHE A 314 -8.97 14.53 -9.15
CA PHE A 314 -9.77 14.94 -8.02
C PHE A 314 -9.46 14.12 -6.78
N GLY A 315 -9.72 14.72 -5.62
CA GLY A 315 -9.49 14.08 -4.34
C GLY A 315 -10.56 14.47 -3.35
N ALA A 316 -11.29 13.50 -2.81
CA ALA A 316 -12.44 13.74 -1.95
C ALA A 316 -12.30 12.97 -0.65
N TYR A 317 -12.95 13.49 0.39
CA TYR A 317 -13.01 12.80 1.68
C TYR A 317 -14.25 13.26 2.43
N VAL A 318 -14.89 12.33 3.13
CA VAL A 318 -16.06 12.61 3.95
C VAL A 318 -15.89 11.85 5.26
N ALA A 319 -16.16 12.52 6.37
CA ALA A 319 -16.18 11.84 7.67
C ALA A 319 -17.23 12.51 8.54
N PHE A 320 -17.88 11.70 9.37
CA PHE A 320 -18.90 12.24 10.27
C PHE A 320 -19.06 11.35 11.49
N VAL A 321 -19.58 11.95 12.57
CA VAL A 321 -19.87 11.24 13.81
C VAL A 321 -21.33 11.53 14.13
N PRO A 322 -22.25 10.60 13.86
CA PRO A 322 -23.67 10.91 14.05
C PRO A 322 -24.02 11.30 15.48
N ALA A 323 -23.42 10.67 16.48
CA ALA A 323 -23.78 10.99 17.87
C ALA A 323 -23.44 12.42 18.24
N ARG A 324 -22.46 13.02 17.56
CA ARG A 324 -22.04 14.38 17.84
C ARG A 324 -22.72 15.39 16.91
N GLY A 325 -23.42 14.91 15.88
CA GLY A 325 -23.95 15.79 14.87
C GLY A 325 -22.90 16.61 14.14
N ILE A 326 -21.70 16.07 13.95
CA ILE A 326 -20.60 16.76 13.29
C ILE A 326 -20.21 16.01 12.02
N ALA A 327 -19.79 16.77 11.00
CA ALA A 327 -19.42 16.19 9.73
C ALA A 327 -18.48 17.11 8.98
N ILE A 328 -17.66 16.52 8.12
CA ILE A 328 -16.84 17.29 7.20
C ILE A 328 -16.83 16.65 5.83
N VAL A 329 -16.96 17.49 4.81
CA VAL A 329 -16.82 17.13 3.40
C VAL A 329 -15.72 17.98 2.81
N MET A 330 -14.77 17.34 2.14
CA MET A 330 -13.66 18.04 1.50
C MET A 330 -13.54 17.56 0.06
N LEU A 331 -13.88 18.42 -0.91
CA LEU A 331 -13.82 18.09 -2.33
C LEU A 331 -12.78 18.96 -3.01
N ALA A 332 -11.75 18.35 -3.58
CA ALA A 332 -10.67 19.09 -4.23
C ALA A 332 -10.50 18.66 -5.68
N ASN A 333 -9.98 19.57 -6.50
CA ASN A 333 -9.65 19.22 -7.88
C ASN A 333 -8.16 19.02 -8.08
N ARG A 334 -7.54 18.34 -7.11
CA ARG A 334 -6.26 17.68 -7.27
C ARG A 334 -6.38 16.34 -6.54
N ASN A 335 -5.77 15.29 -7.10
CA ASN A 335 -5.70 14.01 -6.38
C ASN A 335 -4.47 14.06 -5.49
N TYR A 336 -4.66 14.48 -4.26
CA TYR A 336 -3.58 14.71 -3.33
C TYR A 336 -3.61 13.67 -2.21
N PRO A 337 -2.53 13.53 -1.45
CA PRO A 337 -2.39 12.34 -0.60
C PRO A 337 -3.54 12.12 0.37
N ILE A 338 -4.00 10.86 0.44
CA ILE A 338 -5.02 10.48 1.41
C ILE A 338 -4.60 10.86 2.83
N GLU A 339 -3.31 10.69 3.17
CA GLU A 339 -2.93 11.00 4.54
C GLU A 339 -3.18 12.46 4.87
N ALA A 340 -3.00 13.37 3.89
CA ALA A 340 -3.27 14.77 4.16
C ALA A 340 -4.76 15.02 4.37
N ARG A 341 -5.60 14.38 3.56
CA ARG A 341 -7.05 14.49 3.75
C ARG A 341 -7.45 14.04 5.15
N VAL A 342 -6.95 12.88 5.57
CA VAL A 342 -7.31 12.33 6.87
C VAL A 342 -6.81 13.22 8.00
N LYS A 343 -5.56 13.68 7.91
CA LYS A 343 -5.03 14.52 8.98
C LYS A 343 -5.83 15.81 9.12
N ALA A 344 -6.16 16.45 7.99
CA ALA A 344 -6.93 17.69 8.06
C ALA A 344 -8.33 17.45 8.60
N ALA A 345 -9.01 16.41 8.10
CA ALA A 345 -10.36 16.14 8.55
C ALA A 345 -10.40 15.75 10.02
N HIS A 346 -9.42 14.95 10.47
CA HIS A 346 -9.38 14.58 11.87
C HIS A 346 -9.17 15.79 12.76
N ALA A 347 -8.31 16.72 12.33
CA ALA A 347 -8.08 17.93 13.11
C ALA A 347 -9.36 18.76 13.21
N ILE A 348 -10.05 18.96 12.08
CA ILE A 348 -11.26 19.79 12.11
C ILE A 348 -12.37 19.09 12.89
N LEU A 349 -12.56 17.79 12.67
CA LEU A 349 -13.60 17.08 13.37
C LEU A 349 -13.36 17.06 14.87
N SER A 350 -12.10 16.91 15.28
CA SER A 350 -11.77 16.97 16.70
C SER A 350 -12.21 18.29 17.31
N GLN A 351 -12.01 19.39 16.58
CA GLN A 351 -12.44 20.69 17.06
C GLN A 351 -13.96 20.82 17.06
N LEU A 352 -14.63 20.32 16.01
CA LEU A 352 -16.09 20.41 15.99
C LEU A 352 -16.70 19.64 17.14
N ALA A 353 -16.01 18.61 17.63
CA ALA A 353 -16.52 17.79 18.71
C ALA A 353 -16.36 18.45 20.08
N GLU A 354 -15.69 19.59 20.15
CA GLU A 354 -15.52 20.31 21.41
C GLU A 354 -16.79 21.06 21.75
N PRO B 1 23.21 -21.89 27.51
CA PRO B 1 23.00 -22.95 26.51
C PRO B 1 22.93 -22.39 25.09
N LEU B 2 22.39 -21.18 24.95
CA LEU B 2 22.27 -20.59 23.62
C LEU B 2 23.63 -20.23 23.05
N THR B 3 24.55 -19.76 23.91
CA THR B 3 25.90 -19.48 23.45
C THR B 3 26.54 -20.72 22.86
N ALA B 4 26.36 -21.88 23.50
CA ALA B 4 26.99 -23.11 23.03
C ALA B 4 26.42 -23.55 21.69
N THR B 5 25.10 -23.42 21.51
CA THR B 5 24.51 -23.81 20.22
C THR B 5 24.93 -22.84 19.11
N VAL B 6 24.89 -21.53 19.39
CA VAL B 6 25.31 -20.57 18.38
C VAL B 6 26.80 -20.74 18.08
N ASP B 7 27.63 -20.83 19.13
CA ASP B 7 29.05 -21.11 18.93
C ASP B 7 29.24 -22.39 18.12
N GLY B 8 28.52 -23.46 18.49
CA GLY B 8 28.74 -24.74 17.87
C GLY B 8 28.39 -24.74 16.39
N ILE B 9 27.50 -23.84 15.98
CA ILE B 9 27.12 -23.71 14.57
C ILE B 9 28.05 -22.74 13.85
N ILE B 10 28.35 -21.60 14.48
CA ILE B 10 29.08 -20.53 13.79
C ILE B 10 30.57 -20.88 13.67
N GLN B 11 31.19 -21.35 14.75
CA GLN B 11 32.64 -21.49 14.75
C GLN B 11 33.16 -22.46 13.70
N PRO B 12 32.60 -23.66 13.49
CA PRO B 12 33.10 -24.49 12.39
C PRO B 12 32.97 -23.82 11.04
N MET B 13 31.94 -22.99 10.85
CA MET B 13 31.75 -22.31 9.58
C MET B 13 32.81 -21.24 9.36
N LEU B 14 33.14 -20.48 10.42
CA LEU B 14 34.21 -19.50 10.32
C LEU B 14 35.52 -20.15 9.92
N LYS B 15 35.80 -21.32 10.49
CA LYS B 15 37.03 -22.03 10.18
C LYS B 15 37.01 -22.56 8.75
N ALA B 16 35.88 -23.15 8.35
CA ALA B 16 35.80 -23.75 7.01
C ALA B 16 35.96 -22.70 5.93
N TYR B 17 35.45 -21.50 6.14
CA TYR B 17 35.46 -20.48 5.10
C TYR B 17 36.44 -19.35 5.38
N ARG B 18 37.30 -19.50 6.38
CA ARG B 18 38.31 -18.50 6.70
C ARG B 18 37.68 -17.12 6.89
N ILE B 19 36.62 -17.06 7.69
CA ILE B 19 35.88 -15.82 7.90
C ILE B 19 36.56 -15.05 9.03
N PRO B 20 37.15 -13.89 8.77
CA PRO B 20 37.90 -13.20 9.84
C PRO B 20 37.04 -12.76 11.01
N GLY B 21 35.82 -12.28 10.75
CA GLY B 21 34.95 -11.83 11.82
C GLY B 21 33.50 -11.96 11.44
N MET B 22 32.65 -12.14 12.45
CA MET B 22 31.21 -12.23 12.24
C MET B 22 30.48 -11.65 13.44
N ALA B 23 29.48 -10.82 13.18
CA ALA B 23 28.55 -10.36 14.19
C ALA B 23 27.24 -11.11 13.99
N VAL B 24 26.83 -11.87 15.01
CA VAL B 24 25.57 -12.59 14.98
C VAL B 24 24.66 -11.98 16.03
N ALA B 25 23.43 -11.67 15.64
CA ALA B 25 22.43 -11.17 16.58
C ALA B 25 21.17 -12.00 16.41
N VAL B 26 20.53 -12.34 17.52
CA VAL B 26 19.29 -13.09 17.46
C VAL B 26 18.24 -12.42 18.34
N LEU B 27 16.98 -12.61 17.94
CA LEU B 27 15.83 -12.17 18.70
C LEU B 27 15.06 -13.40 19.14
N LYS B 28 14.64 -13.42 20.40
CA LYS B 28 13.79 -14.47 20.93
C LYS B 28 13.03 -13.85 22.09
N ASP B 29 11.79 -14.29 22.30
CA ASP B 29 10.98 -13.83 23.43
C ASP B 29 11.11 -12.33 23.71
N GLY B 30 11.30 -11.53 22.67
CA GLY B 30 11.42 -10.10 22.82
C GLY B 30 12.79 -9.57 23.22
N LYS B 31 13.77 -10.43 23.46
CA LYS B 31 15.09 -9.98 23.90
C LYS B 31 16.12 -10.21 22.81
N ALA B 32 17.05 -9.26 22.68
CA ALA B 32 18.15 -9.38 21.74
C ALA B 32 19.33 -10.08 22.40
N HIS B 33 20.04 -10.88 21.60
CA HIS B 33 21.26 -11.55 22.03
C HIS B 33 22.34 -11.35 20.98
N TYR B 34 23.56 -11.04 21.41
CA TYR B 34 24.67 -10.77 20.50
C TYR B 34 25.80 -11.76 20.72
N PHE B 35 26.27 -12.36 19.62
CA PHE B 35 27.38 -13.29 19.62
C PHE B 35 28.40 -12.79 18.61
N ASN B 36 29.58 -12.42 19.09
CA ASN B 36 30.57 -11.74 18.29
C ASN B 36 31.81 -12.61 18.17
N TYR B 37 32.35 -12.68 16.95
CA TYR B 37 33.44 -13.58 16.63
C TYR B 37 34.52 -12.85 15.86
N GLY B 38 35.77 -13.06 16.26
CA GLY B 38 36.86 -12.65 15.41
C GLY B 38 37.08 -11.15 15.34
N VAL B 39 37.63 -10.72 14.21
CA VAL B 39 38.21 -9.39 14.08
C VAL B 39 37.54 -8.65 12.93
N ALA B 40 37.27 -7.37 13.16
CA ALA B 40 36.76 -6.48 12.11
C ALA B 40 37.87 -5.98 11.21
N ASN B 41 39.06 -5.81 11.77
CA ASN B 41 40.25 -5.37 11.04
C ASN B 41 41.35 -6.35 11.39
N ARG B 42 41.74 -7.17 10.41
CA ARG B 42 42.75 -8.19 10.65
C ARG B 42 44.12 -7.56 10.92
N GLU B 43 44.37 -6.40 10.32
CA GLU B 43 45.67 -5.76 10.46
C GLU B 43 45.81 -5.12 11.84
N SER B 44 44.78 -4.40 12.29
CA SER B 44 44.86 -3.75 13.61
C SER B 44 44.46 -4.68 14.75
N GLY B 45 43.78 -5.79 14.46
CA GLY B 45 43.29 -6.66 15.51
C GLY B 45 41.99 -6.23 16.15
N GLN B 46 41.39 -5.13 15.69
CA GLN B 46 40.15 -4.65 16.27
C GLN B 46 39.07 -5.72 16.16
N ARG B 47 38.40 -6.01 17.29
CA ARG B 47 37.48 -7.12 17.37
C ARG B 47 36.08 -6.72 16.90
N VAL B 48 35.34 -7.71 16.41
CA VAL B 48 33.96 -7.49 16.02
C VAL B 48 33.10 -7.28 17.26
N SER B 49 32.18 -6.32 17.19
CA SER B 49 31.12 -6.22 18.18
C SER B 49 29.82 -5.97 17.43
N GLU B 50 28.72 -5.88 18.19
CA GLU B 50 27.45 -5.57 17.54
C GLU B 50 27.39 -4.14 17.06
N GLN B 51 28.43 -3.34 17.31
CA GLN B 51 28.53 -1.99 16.79
C GLN B 51 29.48 -1.88 15.60
N THR B 52 30.18 -2.95 15.25
CA THR B 52 31.01 -2.96 14.05
C THR B 52 30.15 -2.73 12.81
N LEU B 53 30.62 -1.86 11.92
CA LEU B 53 29.93 -1.60 10.66
C LEU B 53 30.41 -2.59 9.61
N PHE B 54 29.47 -3.37 9.09
CA PHE B 54 29.71 -4.25 7.95
C PHE B 54 28.95 -3.72 6.73
N GLU B 55 29.50 -3.97 5.55
CA GLU B 55 28.73 -3.81 4.33
C GLU B 55 27.72 -4.94 4.25
N ILE B 56 26.43 -4.59 4.15
CA ILE B 56 25.39 -5.62 4.09
C ILE B 56 24.95 -5.91 2.67
N GLY B 57 25.55 -5.24 1.68
CA GLY B 57 25.23 -5.52 0.29
C GLY B 57 23.73 -5.46 0.04
N SEP B 58 23.25 -6.47 -0.67
CA SEP B 58 21.86 -6.53 -1.13
CB SEP B 58 21.64 -7.73 -2.04
OG SEP B 58 22.07 -7.47 -3.37
C SEP B 58 20.81 -6.55 -0.03
O SEP B 58 19.62 -6.31 -0.31
P SEP B 58 23.34 -8.38 -3.74
O1P SEP B 58 22.81 -9.84 -4.16
O2P SEP B 58 24.13 -7.65 -4.92
O3P SEP B 58 24.27 -8.54 -2.45
N SER B 58 23.23 -6.46 -0.66
CA SER B 58 21.85 -6.45 -1.14
C SER B 58 20.81 -6.54 -0.03
N VAL B 59 21.20 -6.81 1.21
CA VAL B 59 20.26 -6.65 2.31
C VAL B 59 19.77 -5.21 2.37
N SER B 60 20.56 -4.27 1.83
CA SER B 60 20.15 -2.88 1.74
C SER B 60 18.78 -2.73 1.08
N LYS B 61 18.42 -3.64 0.19
CA LYS B 61 17.18 -3.51 -0.55
C LYS B 61 15.96 -3.55 0.35
N THR B 62 16.07 -4.17 1.54
CA THR B 62 14.95 -4.17 2.46
C THR B 62 14.72 -2.80 3.06
N LEU B 63 15.79 -2.04 3.30
CA LEU B 63 15.64 -0.64 3.71
C LEU B 63 15.13 0.22 2.56
N THR B 64 15.69 0.03 1.36
CA THR B 64 15.20 0.74 0.19
C THR B 64 13.71 0.50 -0.04
N ALA B 65 13.27 -0.76 0.14
CA ALA B 65 11.87 -1.11 -0.04
C ALA B 65 11.01 -0.43 1.01
N THR B 66 11.52 -0.34 2.24
CA THR B 66 10.78 0.35 3.29
C THR B 66 10.65 1.84 2.97
N LEU B 67 11.71 2.44 2.42
CA LEU B 67 11.63 3.83 1.99
C LEU B 67 10.59 4.01 0.88
N GLY B 68 10.57 3.09 -0.09
CA GLY B 68 9.61 3.20 -1.17
C GLY B 68 8.18 3.05 -0.68
N ALA B 69 7.94 2.07 0.20
CA ALA B 69 6.62 1.89 0.77
C ALA B 69 6.20 3.11 1.58
N TYR B 70 7.14 3.71 2.31
CA TYR B 70 6.88 4.96 3.02
C TYR B 70 6.42 6.05 2.06
N ALA B 71 7.12 6.21 0.93
CA ALA B 71 6.69 7.21 -0.05
C ALA B 71 5.30 6.88 -0.60
N ALA B 72 5.00 5.59 -0.81
CA ALA B 72 3.65 5.22 -1.24
C ALA B 72 2.60 5.58 -0.20
N VAL B 73 2.87 5.33 1.09
CA VAL B 73 1.89 5.63 2.12
C VAL B 73 1.64 7.14 2.20
N LYS B 74 2.69 7.94 1.99
CA LYS B 74 2.58 9.40 2.02
CA LYS B 74 2.56 9.39 2.02
C LYS B 74 2.02 9.96 0.72
N GLY B 75 1.69 9.11 -0.25
CA GLY B 75 1.03 9.59 -1.44
C GLY B 75 1.93 10.10 -2.53
N GLY B 76 3.24 9.80 -2.45
CA GLY B 76 4.13 10.17 -3.55
C GLY B 76 3.81 9.43 -4.82
N PHE B 77 3.32 8.20 -4.73
CA PHE B 77 2.98 7.39 -5.89
C PHE B 77 2.09 6.25 -5.40
N GLU B 78 1.43 5.61 -6.36
CA GLU B 78 0.71 4.37 -6.13
CA GLU B 78 0.71 4.37 -6.13
C GLU B 78 1.51 3.23 -6.75
N LEU B 79 1.46 2.06 -6.12
CA LEU B 79 2.28 0.96 -6.60
C LEU B 79 1.91 0.52 -8.00
N ASP B 80 0.66 0.75 -8.43
CA ASP B 80 0.25 0.41 -9.79
C ASP B 80 0.53 1.51 -10.81
N ASP B 81 1.04 2.67 -10.37
CA ASP B 81 1.37 3.72 -11.32
C ASP B 81 2.43 3.22 -12.32
N LYS B 82 2.34 3.70 -13.55
CA LYS B 82 3.41 3.48 -14.51
C LYS B 82 4.66 4.23 -14.07
N VAL B 83 5.82 3.61 -14.30
CA VAL B 83 7.08 4.18 -13.83
C VAL B 83 7.30 5.57 -14.41
N SER B 84 6.96 5.78 -15.69
CA SER B 84 7.22 7.08 -16.30
C SER B 84 6.31 8.19 -15.76
N GLN B 85 5.28 7.84 -15.00
CA GLN B 85 4.53 8.89 -14.30
C GLN B 85 5.37 9.57 -13.22
N HIS B 86 6.51 8.99 -12.85
CA HIS B 86 7.34 9.54 -11.78
C HIS B 86 8.78 9.77 -12.23
N ALA B 87 9.01 9.75 -13.54
CA ALA B 87 10.30 10.15 -14.11
C ALA B 87 9.98 10.79 -15.46
N PRO B 88 9.92 12.12 -15.51
CA PRO B 88 9.62 12.79 -16.79
C PRO B 88 10.57 12.37 -17.91
N TRP B 89 11.82 12.09 -17.58
CA TRP B 89 12.80 11.69 -18.58
C TRP B 89 12.53 10.29 -19.12
N LEU B 90 11.62 9.52 -18.51
CA LEU B 90 11.25 8.20 -19.01
C LEU B 90 9.98 8.21 -19.84
N LYS B 91 9.37 9.37 -20.06
CA LYS B 91 8.19 9.43 -20.91
C LYS B 91 8.52 8.96 -22.33
N GLY B 92 7.69 8.06 -22.84
CA GLY B 92 7.90 7.50 -24.17
C GLY B 92 8.82 6.31 -24.23
N SER B 93 9.38 5.87 -23.10
CA SER B 93 10.26 4.72 -23.04
C SER B 93 9.45 3.46 -22.76
N ALA B 94 10.13 2.32 -22.67
CA ALA B 94 9.44 1.10 -22.26
C ALA B 94 8.80 1.24 -20.87
N PHE B 95 9.26 2.20 -20.06
CA PHE B 95 8.71 2.35 -18.72
C PHE B 95 7.36 3.07 -18.70
N ASP B 96 6.83 3.42 -19.88
CA ASP B 96 5.40 3.72 -20.00
C ASP B 96 4.54 2.52 -19.67
N GLY B 97 5.09 1.30 -19.77
CA GLY B 97 4.33 0.07 -19.63
C GLY B 97 4.77 -0.83 -18.48
N VAL B 98 5.47 -0.25 -17.52
CA VAL B 98 5.98 -0.95 -16.33
C VAL B 98 5.43 -0.23 -15.11
N THR B 99 4.97 -0.99 -14.12
CA THR B 99 4.48 -0.36 -12.89
C THR B 99 5.59 -0.24 -11.85
N MET B 100 5.34 0.64 -10.88
CA MET B 100 6.30 0.81 -9.79
C MET B 100 6.48 -0.49 -9.02
N ALA B 101 5.40 -1.24 -8.80
CA ALA B 101 5.51 -2.52 -8.12
C ALA B 101 6.35 -3.51 -8.91
N GLU B 102 6.18 -3.56 -10.24
CA GLU B 102 7.00 -4.47 -11.06
C GLU B 102 8.47 -4.10 -10.99
N LEU B 103 8.78 -2.80 -11.04
CA LEU B 103 10.15 -2.35 -10.87
C LEU B 103 10.73 -2.81 -9.53
N ALA B 104 9.95 -2.68 -8.45
CA ALA B 104 10.45 -3.02 -7.12
C ALA B 104 10.66 -4.52 -6.94
N THR B 105 9.92 -5.34 -7.69
CA THR B 105 9.93 -6.79 -7.53
C THR B 105 10.65 -7.51 -8.67
N TYR B 106 11.44 -6.75 -9.45
CA TYR B 106 12.34 -7.30 -10.47
C TYR B 106 11.58 -7.95 -11.62
N SER B 107 10.34 -7.51 -11.87
CA SER B 107 9.51 -8.14 -12.88
C SER B 107 9.18 -7.20 -14.04
N ALA B 108 9.98 -6.15 -14.24
CA ALA B 108 9.72 -5.18 -15.30
C ALA B 108 9.85 -5.80 -16.69
N GLY B 109 10.65 -6.85 -16.84
CA GLY B 109 10.76 -7.48 -18.15
C GLY B 109 12.19 -7.76 -18.58
N GLY B 110 13.07 -8.04 -17.63
CA GLY B 110 14.41 -8.45 -17.96
C GLY B 110 15.50 -7.42 -17.75
N LEU B 111 15.30 -6.42 -16.89
CA LEU B 111 16.42 -5.60 -16.47
C LEU B 111 17.51 -6.51 -15.88
N PRO B 112 18.77 -6.25 -16.19
CA PRO B 112 19.83 -7.19 -15.80
C PRO B 112 20.24 -7.04 -14.34
N LEU B 113 21.04 -8.01 -13.90
CA LEU B 113 21.52 -7.99 -12.51
C LEU B 113 22.30 -6.70 -12.21
N GLN B 114 23.17 -6.28 -13.13
CA GLN B 114 24.01 -5.10 -12.94
C GLN B 114 23.87 -4.17 -14.13
N PHE B 115 24.14 -2.89 -13.90
CA PHE B 115 24.30 -1.97 -15.01
C PHE B 115 25.47 -2.41 -15.88
N PRO B 116 25.43 -2.14 -17.18
CA PRO B 116 26.64 -2.26 -17.99
C PRO B 116 27.73 -1.34 -17.45
N ASP B 117 28.99 -1.76 -17.65
CA ASP B 117 30.12 -1.03 -17.10
C ASP B 117 30.18 0.41 -17.58
N GLU B 118 29.69 0.69 -18.79
CA GLU B 118 29.75 2.05 -19.32
C GLU B 118 28.86 3.02 -18.56
N VAL B 119 27.90 2.52 -17.78
CA VAL B 119 27.00 3.40 -17.05
C VAL B 119 27.71 3.85 -15.77
N ASP B 120 28.25 5.06 -15.79
CA ASP B 120 29.04 5.57 -14.66
C ASP B 120 28.67 6.99 -14.28
N SER B 121 27.51 7.48 -14.73
CA SER B 121 27.08 8.83 -14.42
C SER B 121 25.56 8.86 -14.44
N ASN B 122 25.00 9.92 -13.86
CA ASN B 122 23.54 10.07 -13.89
C ASN B 122 23.03 10.22 -15.32
N ASP B 123 23.76 10.98 -16.14
CA ASP B 123 23.30 11.17 -17.52
C ASP B 123 23.35 9.86 -18.30
N LYS B 124 24.41 9.06 -18.11
CA LYS B 124 24.48 7.76 -18.78
C LYS B 124 23.44 6.79 -18.22
N MET B 125 23.13 6.91 -16.93
CA MET B 125 22.09 6.07 -16.35
C MET B 125 20.73 6.36 -16.97
N GLN B 126 20.40 7.65 -17.13
CA GLN B 126 19.14 7.99 -17.77
C GLN B 126 19.11 7.49 -19.21
N THR B 127 20.20 7.67 -19.96
CA THR B 127 20.26 7.12 -21.30
C THR B 127 20.05 5.61 -21.29
N TYR B 128 20.63 4.92 -20.30
CA TYR B 128 20.49 3.47 -20.22
C TYR B 128 19.02 3.05 -20.11
N TYR B 129 18.29 3.62 -19.15
CA TYR B 129 16.90 3.23 -18.97
C TYR B 129 16.06 3.62 -20.17
N ARG B 130 16.30 4.82 -20.72
CA ARG B 130 15.53 5.31 -21.85
C ARG B 130 15.67 4.41 -23.07
N SER B 131 16.83 3.79 -23.24
CA SER B 131 17.08 2.94 -24.41
C SER B 131 16.87 1.47 -24.14
N TRP B 132 16.49 1.09 -22.91
CA TRP B 132 16.35 -0.33 -22.59
C TRP B 132 15.18 -0.95 -23.33
N SER B 133 15.40 -2.14 -23.88
CA SER B 133 14.38 -2.87 -24.62
C SER B 133 13.93 -4.08 -23.80
N PRO B 134 12.64 -4.19 -23.47
CA PRO B 134 12.19 -5.33 -22.66
C PRO B 134 12.53 -6.67 -23.31
N VAL B 135 12.88 -7.62 -22.45
CA VAL B 135 13.10 -9.00 -22.87
C VAL B 135 11.83 -9.84 -22.72
N TYR B 136 11.02 -9.56 -21.71
CA TYR B 136 9.78 -10.29 -21.44
C TYR B 136 8.65 -9.29 -21.24
N PRO B 137 7.41 -9.73 -21.42
CA PRO B 137 6.27 -8.88 -21.04
C PRO B 137 6.34 -8.52 -19.57
N ALA B 138 5.88 -7.32 -19.25
CA ALA B 138 5.94 -6.85 -17.86
C ALA B 138 5.14 -7.77 -16.94
N GLY B 139 5.73 -8.05 -15.78
CA GLY B 139 5.05 -8.83 -14.77
C GLY B 139 5.14 -10.33 -14.91
N THR B 140 5.77 -10.85 -15.96
CA THR B 140 5.74 -12.28 -16.22
C THR B 140 6.97 -13.02 -15.73
N HIS B 141 8.11 -12.33 -15.63
CA HIS B 141 9.39 -12.94 -15.29
C HIS B 141 10.09 -12.14 -14.21
N ARG B 142 10.66 -12.85 -13.25
CA ARG B 142 11.46 -12.25 -12.19
C ARG B 142 12.93 -12.41 -12.54
N GLN B 143 13.64 -11.30 -12.68
CA GLN B 143 15.09 -11.31 -12.90
C GLN B 143 15.70 -10.36 -11.88
N TYR B 144 16.29 -10.90 -10.82
CA TYR B 144 16.85 -10.09 -9.76
C TYR B 144 17.80 -9.04 -10.34
N SER B 145 17.61 -7.79 -9.95
CA SER B 145 18.20 -6.68 -10.70
C SER B 145 18.48 -5.49 -9.80
N ASN B 146 19.75 -5.09 -9.73
CA ASN B 146 20.14 -3.87 -9.05
C ASN B 146 19.56 -2.65 -9.78
N PRO B 147 19.63 -2.55 -11.11
CA PRO B 147 19.00 -1.41 -11.78
C PRO B 147 17.50 -1.31 -11.54
N SER B 148 16.81 -2.43 -11.36
CA SER B 148 15.35 -2.41 -11.20
C SER B 148 14.96 -1.79 -9.87
N ILE B 149 15.39 -2.39 -8.76
CA ILE B 149 15.01 -1.80 -7.48
C ILE B 149 15.77 -0.51 -7.22
N GLY B 150 16.95 -0.33 -7.83
CA GLY B 150 17.64 0.94 -7.71
C GLY B 150 16.79 2.10 -8.23
N LEU B 151 16.18 1.90 -9.40
CA LEU B 151 15.33 2.94 -9.96
C LEU B 151 14.10 3.16 -9.08
N PHE B 152 13.51 2.07 -8.58
CA PHE B 152 12.37 2.18 -7.67
C PHE B 152 12.70 3.08 -6.48
N GLY B 153 13.82 2.82 -5.81
CA GLY B 153 14.17 3.64 -4.66
C GLY B 153 14.42 5.08 -5.03
N HIS B 154 15.10 5.29 -6.17
CA HIS B 154 15.41 6.63 -6.65
C HIS B 154 14.14 7.43 -6.95
N LEU B 155 13.22 6.84 -7.70
CA LEU B 155 11.98 7.53 -8.04
C LEU B 155 11.08 7.67 -6.83
N ALA B 156 11.10 6.71 -5.90
CA ALA B 156 10.26 6.81 -4.72
C ALA B 156 10.67 8.02 -3.89
N ALA B 157 11.97 8.20 -3.68
CA ALA B 157 12.44 9.36 -2.93
C ALA B 157 12.11 10.65 -3.66
N ASN B 158 12.33 10.68 -4.99
CA ASN B 158 11.98 11.86 -5.77
C ASN B 158 10.48 12.17 -5.74
N SER B 159 9.63 11.16 -5.52
CA SER B 159 8.19 11.43 -5.47
C SER B 159 7.83 12.24 -4.23
N LEU B 160 8.68 12.26 -3.22
CA LEU B 160 8.52 13.15 -2.08
C LEU B 160 9.38 14.39 -2.20
N GLY B 161 10.01 14.59 -3.37
CA GLY B 161 10.85 15.75 -3.60
C GLY B 161 12.18 15.76 -2.89
N GLN B 162 12.72 14.60 -2.53
CA GLN B 162 13.99 14.52 -1.83
C GLN B 162 14.93 13.52 -2.51
N PRO B 163 16.24 13.75 -2.46
CA PRO B 163 17.18 12.73 -2.90
C PRO B 163 17.15 11.52 -1.98
N PHE B 164 17.40 10.35 -2.56
CA PHE B 164 17.31 9.10 -1.81
C PHE B 164 18.18 9.12 -0.55
N GLU B 165 19.43 9.59 -0.66
CA GLU B 165 20.31 9.51 0.50
CA GLU B 165 20.34 9.54 0.47
C GLU B 165 19.85 10.44 1.61
N GLN B 166 19.30 11.60 1.27
CA GLN B 166 18.76 12.50 2.29
C GLN B 166 17.55 11.88 2.97
N LEU B 167 16.59 11.39 2.19
CA LEU B 167 15.39 10.80 2.78
C LEU B 167 15.74 9.61 3.65
N MET B 168 16.69 8.78 3.20
CA MET B 168 17.08 7.61 3.98
C MET B 168 17.77 8.02 5.27
N SER B 169 18.74 8.95 5.19
CA SER B 169 19.56 9.26 6.35
C SER B 169 18.88 10.20 7.34
N GLN B 170 18.03 11.10 6.85
CA GLN B 170 17.45 12.10 7.73
C GLN B 170 16.00 11.83 8.11
N THR B 171 15.31 10.93 7.40
CA THR B 171 13.93 10.59 7.75
C THR B 171 13.77 9.12 8.09
N LEU B 172 14.08 8.20 7.17
CA LEU B 172 13.70 6.80 7.40
C LEU B 172 14.50 6.18 8.54
N LEU B 173 15.82 6.28 8.49
CA LEU B 173 16.62 5.63 9.50
C LEU B 173 16.39 6.23 10.89
N PRO B 174 16.34 7.56 11.04
CA PRO B 174 16.00 8.11 12.37
C PRO B 174 14.66 7.63 12.89
N LYS B 175 13.64 7.57 12.03
CA LYS B 175 12.32 7.15 12.50
C LYS B 175 12.30 5.68 12.87
N LEU B 176 13.14 4.87 12.23
CA LEU B 176 13.30 3.47 12.62
C LEU B 176 14.16 3.30 13.87
N GLY B 177 14.83 4.37 14.32
CA GLY B 177 15.73 4.26 15.44
C GLY B 177 17.09 3.72 15.10
N LEU B 178 17.48 3.76 13.83
CA LEU B 178 18.77 3.25 13.38
C LEU B 178 19.72 4.44 13.25
N HIS B 179 20.38 4.79 14.36
CA HIS B 179 21.22 5.96 14.39
C HIS B 179 22.67 5.67 14.00
N HIS B 180 23.01 4.40 13.79
CA HIS B 180 24.36 4.01 13.41
C HIS B 180 24.34 3.17 12.15
N THR B 181 23.54 3.62 11.18
CA THR B 181 23.37 2.98 9.89
C THR B 181 23.61 4.02 8.81
N TYR B 182 24.46 3.70 7.85
CA TYR B 182 24.96 4.73 6.93
C TYR B 182 25.01 4.23 5.50
N ILE B 183 24.83 5.18 4.58
CA ILE B 183 25.25 5.00 3.20
C ILE B 183 26.70 5.42 3.03
N GLN B 184 27.02 6.66 3.40
CA GLN B 184 28.39 7.14 3.50
C GLN B 184 28.77 7.18 4.99
N VAL B 185 29.79 6.43 5.36
CA VAL B 185 30.21 6.37 6.76
C VAL B 185 30.88 7.69 7.13
N PRO B 186 30.37 8.43 8.10
CA PRO B 186 31.01 9.70 8.48
C PRO B 186 32.31 9.45 9.23
N GLU B 187 33.12 10.51 9.31
CA GLU B 187 34.42 10.38 9.96
C GLU B 187 34.28 9.89 11.40
N SER B 188 33.25 10.35 12.11
CA SER B 188 33.08 10.01 13.52
C SER B 188 32.92 8.50 13.72
N ALA B 189 32.44 7.78 12.71
CA ALA B 189 32.17 6.35 12.85
C ALA B 189 33.13 5.47 12.07
N MET B 190 34.12 6.03 11.38
CA MET B 190 35.05 5.19 10.62
C MET B 190 35.81 4.23 11.52
N ALA B 191 35.99 4.57 12.79
CA ALA B 191 36.66 3.67 13.72
C ALA B 191 35.88 2.37 13.92
N ASN B 192 34.61 2.35 13.56
CA ASN B 192 33.80 1.14 13.68
C ASN B 192 33.68 0.36 12.38
N TYR B 193 34.19 0.89 11.27
CA TYR B 193 33.96 0.29 9.96
C TYR B 193 34.93 -0.88 9.76
N ALA B 194 34.40 -2.08 9.61
CA ALA B 194 35.24 -3.24 9.37
C ALA B 194 35.91 -3.13 8.01
N TYR B 195 36.97 -3.91 7.84
CA TYR B 195 37.49 -4.20 6.50
C TYR B 195 36.89 -5.50 6.00
N GLY B 196 36.62 -5.56 4.69
CA GLY B 196 36.26 -6.80 4.06
C GLY B 196 37.50 -7.52 3.58
N TYR B 197 37.35 -8.83 3.37
CA TYR B 197 38.49 -9.62 2.92
C TYR B 197 38.04 -10.42 1.70
N SER B 198 38.71 -10.16 0.57
CA SER B 198 38.24 -10.58 -0.74
C SER B 198 38.43 -12.09 -0.93
N LYS B 199 38.05 -12.56 -2.12
CA LYS B 199 38.24 -13.96 -2.47
C LYS B 199 39.71 -14.32 -2.57
N GLU B 200 40.59 -13.33 -2.77
CA GLU B 200 42.03 -13.52 -2.73
C GLU B 200 42.64 -13.11 -1.40
N ASP B 201 41.81 -12.87 -0.38
CA ASP B 201 42.26 -12.69 1.00
C ASP B 201 42.94 -11.34 1.23
N LYS B 202 42.57 -10.31 0.46
CA LYS B 202 43.09 -8.96 0.65
C LYS B 202 42.04 -8.07 1.31
N PRO B 203 42.45 -7.05 2.08
CA PRO B 203 41.48 -6.10 2.62
C PRO B 203 40.84 -5.28 1.51
N ILE B 204 39.53 -5.09 1.63
CA ILE B 204 38.75 -4.46 0.57
C ILE B 204 37.51 -3.84 1.20
N ARG B 205 37.12 -2.68 0.67
CA ARG B 205 35.86 -2.03 1.00
C ARG B 205 35.16 -1.61 -0.28
N ALA B 206 33.87 -1.33 -0.18
CA ALA B 206 33.09 -0.97 -1.35
C ALA B 206 33.53 0.38 -1.91
N THR B 207 33.29 0.57 -3.21
CA THR B 207 33.55 1.83 -3.88
C THR B 207 32.24 2.35 -4.47
N PRO B 208 32.17 3.61 -4.89
CA PRO B 208 30.89 4.14 -5.39
C PRO B 208 30.39 3.43 -6.63
N GLY B 209 29.07 3.42 -6.78
CA GLY B 209 28.44 2.84 -7.95
C GLY B 209 27.11 3.53 -8.22
N VAL B 210 26.63 3.37 -9.46
CA VAL B 210 25.40 4.01 -9.87
C VAL B 210 24.23 3.31 -9.17
N LEU B 211 23.47 4.09 -8.40
CA LEU B 211 22.37 3.58 -7.57
C LEU B 211 22.86 2.52 -6.58
N ALA B 212 24.13 2.58 -6.23
CA ALA B 212 24.67 1.70 -5.20
C ALA B 212 23.93 1.86 -3.88
N ALA B 213 23.67 3.11 -3.47
CA ALA B 213 22.99 3.37 -2.20
C ALA B 213 21.68 2.59 -2.13
N GLU B 214 20.89 2.67 -3.20
CA GLU B 214 19.59 2.00 -3.24
C GLU B 214 19.72 0.48 -3.26
N ALA B 215 20.68 -0.05 -4.02
CA ALA B 215 20.67 -1.48 -4.29
C ALA B 215 21.55 -2.29 -3.34
N TYR B 216 22.62 -1.72 -2.79
CA TYR B 216 23.55 -2.54 -2.02
C TYR B 216 24.52 -1.74 -1.16
N GLY B 217 24.18 -0.50 -0.81
CA GLY B 217 25.16 0.41 -0.27
C GLY B 217 25.17 0.69 1.22
N ILE B 218 24.41 -0.04 2.03
CA ILE B 218 24.29 0.26 3.45
C ILE B 218 25.42 -0.39 4.25
N LYS B 219 25.93 0.37 5.22
CA LYS B 219 26.84 -0.12 6.24
C LYS B 219 26.14 -0.05 7.59
N THR B 220 26.12 -1.15 8.32
CA THR B 220 25.49 -1.15 9.64
C THR B 220 26.03 -2.32 10.44
N GLY B 221 25.79 -2.27 11.75
CA GLY B 221 26.12 -3.35 12.64
C GLY B 221 24.93 -4.26 12.92
N SER B 222 25.21 -5.33 13.67
CA SER B 222 24.15 -6.31 13.92
C SER B 222 23.09 -5.76 14.87
N ALA B 223 23.46 -4.87 15.79
CA ALA B 223 22.47 -4.32 16.70
C ALA B 223 21.46 -3.46 15.95
N ASP B 224 21.93 -2.56 15.08
CA ASP B 224 21.02 -1.74 14.28
C ASP B 224 20.19 -2.59 13.35
N LEU B 225 20.82 -3.54 12.65
CA LEU B 225 20.07 -4.37 11.71
C LEU B 225 19.02 -5.21 12.44
N LEU B 226 19.36 -5.73 13.62
CA LEU B 226 18.35 -6.45 14.39
C LEU B 226 17.21 -5.53 14.83
N LYS B 227 17.51 -4.27 15.12
CA LYS B 227 16.45 -3.34 15.49
C LYS B 227 15.49 -3.12 14.31
N PHE B 228 16.03 -3.08 13.09
CA PHE B 228 15.16 -2.98 11.92
C PHE B 228 14.29 -4.22 11.78
N VAL B 229 14.87 -5.40 12.01
CA VAL B 229 14.09 -6.63 12.03
C VAL B 229 13.01 -6.57 13.10
N GLU B 230 13.35 -6.06 14.30
CA GLU B 230 12.35 -5.91 15.35
C GLU B 230 11.19 -5.05 14.88
N ALA B 231 11.48 -4.00 14.12
CA ALA B 231 10.43 -3.14 13.63
C ALA B 231 9.51 -3.88 12.68
N ASN B 232 10.03 -4.88 11.98
CA ASN B 232 9.21 -5.74 11.13
C ASN B 232 8.37 -6.72 11.93
N MET B 233 8.55 -6.76 13.24
CA MET B 233 7.74 -7.57 14.16
C MET B 233 7.17 -6.72 15.28
N GLY B 234 6.58 -5.57 14.94
CA GLY B 234 5.82 -4.81 15.92
C GLY B 234 6.14 -3.33 16.10
N TYR B 235 6.61 -2.67 15.04
CA TYR B 235 6.88 -1.25 15.11
C TYR B 235 5.68 -0.44 15.56
N GLN B 236 5.92 0.53 16.44
CA GLN B 236 4.94 1.56 16.81
C GLN B 236 5.61 2.91 16.71
N GLY B 237 4.86 3.90 16.24
CA GLY B 237 5.41 5.24 16.07
C GLY B 237 4.75 6.01 14.94
N ASP B 238 5.56 6.41 13.95
CA ASP B 238 5.07 7.13 12.79
C ASP B 238 4.07 6.26 12.04
N ALA B 239 2.84 6.76 11.85
CA ALA B 239 1.80 5.95 11.22
C ALA B 239 2.18 5.57 9.80
N ALA B 240 2.80 6.49 9.06
CA ALA B 240 3.20 6.18 7.70
C ALA B 240 4.27 5.10 7.69
N LEU B 241 5.23 5.17 8.61
CA LEU B 241 6.27 4.15 8.64
C LEU B 241 5.71 2.80 9.08
N LYS B 242 4.76 2.79 10.02
CA LYS B 242 4.15 1.53 10.44
C LYS B 242 3.46 0.85 9.27
N SER B 243 2.65 1.62 8.52
CA SER B 243 2.02 1.08 7.33
C SER B 243 3.04 0.67 6.27
N ALA B 244 4.12 1.44 6.15
CA ALA B 244 5.15 1.11 5.16
C ALA B 244 5.77 -0.25 5.45
N ILE B 245 6.07 -0.52 6.72
CA ILE B 245 6.63 -1.82 7.08
C ILE B 245 5.65 -2.94 6.72
N ALA B 246 4.36 -2.73 7.00
CA ALA B 246 3.38 -3.75 6.62
C ALA B 246 3.37 -4.00 5.12
N LEU B 247 3.53 -2.95 4.31
CA LEU B 247 3.54 -3.11 2.86
CA LEU B 247 3.54 -3.11 2.87
C LEU B 247 4.77 -3.86 2.36
N THR B 248 5.86 -3.94 3.15
CA THR B 248 6.98 -4.79 2.75
C THR B 248 6.71 -6.25 3.07
N HIS B 249 5.56 -6.57 3.66
CA HIS B 249 5.11 -7.94 3.86
C HIS B 249 3.98 -8.31 2.90
N THR B 250 3.70 -7.44 1.92
CA THR B 250 2.79 -7.77 0.83
C THR B 250 3.52 -8.68 -0.17
N GLY B 251 2.82 -9.68 -0.68
CA GLY B 251 3.36 -10.55 -1.71
C GLY B 251 2.77 -10.20 -3.07
N PHE B 252 3.63 -10.24 -4.09
CA PHE B 252 3.27 -9.83 -5.44
C PHE B 252 3.29 -10.95 -6.46
N HIS B 253 4.18 -11.93 -6.30
CA HIS B 253 4.27 -13.08 -7.17
C HIS B 253 5.12 -14.11 -6.44
N SER B 254 5.19 -15.32 -6.98
CA SER B 254 6.03 -16.34 -6.38
C SER B 254 6.86 -17.03 -7.46
N VAL B 255 8.00 -17.53 -7.04
CA VAL B 255 8.86 -18.38 -7.85
C VAL B 255 9.11 -19.62 -7.00
N GLY B 256 8.60 -20.77 -7.44
CA GLY B 256 8.61 -21.94 -6.58
C GLY B 256 7.91 -21.64 -5.26
N GLU B 257 8.61 -21.94 -4.16
CA GLU B 257 8.07 -21.76 -2.82
C GLU B 257 8.37 -20.39 -2.23
N MET B 258 8.99 -19.49 -2.99
CA MET B 258 9.38 -18.18 -2.51
C MET B 258 8.41 -17.13 -3.03
N THR B 259 7.94 -16.25 -2.15
CA THR B 259 7.07 -15.15 -2.53
C THR B 259 7.84 -13.83 -2.46
N GLN B 260 7.79 -13.07 -3.55
CA GLN B 260 8.52 -11.80 -3.67
C GLN B 260 7.68 -10.66 -3.11
N GLY B 261 8.23 -9.96 -2.12
CA GLY B 261 7.66 -8.73 -1.64
C GLY B 261 8.47 -7.54 -2.07
N LEU B 262 8.24 -6.42 -1.39
CA LEU B 262 9.12 -5.26 -1.54
C LEU B 262 10.34 -5.51 -0.68
N GLY B 263 11.47 -5.84 -1.32
CA GLY B 263 12.69 -6.12 -0.58
C GLY B 263 12.72 -7.52 0.00
N TRP B 264 11.87 -7.80 0.98
CA TRP B 264 11.86 -9.11 1.59
C TRP B 264 11.34 -10.17 0.63
N GLU B 265 11.91 -11.37 0.74
CA GLU B 265 11.44 -12.60 0.12
C GLU B 265 11.00 -13.54 1.23
N SER B 266 9.89 -14.26 1.04
CA SER B 266 9.39 -15.03 2.16
C SER B 266 8.93 -16.43 1.77
N TYR B 267 8.79 -17.26 2.80
CA TYR B 267 8.43 -18.66 2.69
C TYR B 267 7.36 -18.96 3.73
N ASP B 268 6.48 -19.90 3.38
CA ASP B 268 5.56 -20.45 4.37
C ASP B 268 6.36 -21.07 5.51
N TYR B 269 5.97 -20.74 6.74
CA TYR B 269 6.68 -21.26 7.92
C TYR B 269 5.84 -22.34 8.59
N PRO B 270 6.47 -23.45 9.00
CA PRO B 270 7.91 -23.79 8.91
C PRO B 270 8.39 -24.09 7.50
N VAL B 271 9.64 -23.74 7.21
CA VAL B 271 10.25 -23.98 5.91
C VAL B 271 11.43 -24.93 6.09
N THR B 272 11.58 -25.88 5.16
CA THR B 272 12.70 -26.79 5.25
C THR B 272 13.97 -26.13 4.73
N GLU B 273 15.11 -26.67 5.17
CA GLU B 273 16.38 -26.15 4.68
C GLU B 273 16.48 -26.29 3.17
N GLN B 274 15.96 -27.40 2.62
CA GLN B 274 16.05 -27.60 1.18
C GLN B 274 15.31 -26.50 0.43
N VAL B 275 14.11 -26.15 0.89
CA VAL B 275 13.31 -25.13 0.22
C VAL B 275 13.98 -23.77 0.36
N LEU B 276 14.50 -23.47 1.55
CA LEU B 276 15.14 -22.17 1.75
C LEU B 276 16.42 -22.05 0.94
N LEU B 277 17.17 -23.15 0.80
CA LEU B 277 18.34 -23.12 -0.07
C LEU B 277 17.95 -22.90 -1.52
N ALA B 278 16.90 -23.59 -1.98
CA ALA B 278 16.49 -23.48 -3.38
C ALA B 278 16.06 -22.07 -3.73
N GLY B 279 15.32 -21.42 -2.83
CA GLY B 279 14.87 -20.07 -3.14
C GLY B 279 15.99 -19.05 -3.12
N ASN B 280 17.11 -19.37 -2.48
CA ASN B 280 18.28 -18.50 -2.44
C ASN B 280 19.40 -18.99 -3.35
N SER B 281 19.10 -19.92 -4.26
CA SER B 281 20.08 -20.55 -5.13
C SER B 281 20.32 -19.69 -6.36
N PRO B 282 21.46 -19.87 -7.04
CA PRO B 282 21.71 -19.12 -8.28
C PRO B 282 20.63 -19.28 -9.33
N ALA B 283 19.93 -20.42 -9.39
CA ALA B 283 18.86 -20.60 -10.36
C ALA B 283 17.76 -19.56 -10.18
N VAL B 284 17.58 -19.06 -8.96
CA VAL B 284 16.59 -18.03 -8.68
C VAL B 284 17.21 -16.64 -8.74
N SER B 285 18.46 -16.51 -8.30
CA SER B 285 19.12 -15.22 -8.12
C SER B 285 19.67 -14.66 -9.44
N PHE B 286 20.17 -15.51 -10.32
CA PHE B 286 20.98 -15.03 -11.44
C PHE B 286 20.36 -15.33 -12.80
N GLN B 287 19.14 -15.86 -12.84
CA GLN B 287 18.43 -16.19 -14.07
C GLN B 287 17.07 -15.53 -14.04
N ALA B 288 16.54 -15.23 -15.22
CA ALA B 288 15.12 -14.88 -15.31
C ALA B 288 14.30 -16.14 -15.11
N ASN B 289 13.28 -16.05 -14.26
CA ASN B 289 12.36 -17.15 -14.06
C ASN B 289 10.94 -16.68 -14.27
N PRO B 290 10.10 -17.45 -14.95
CA PRO B 290 8.69 -17.09 -15.02
C PRO B 290 8.07 -17.19 -13.64
N VAL B 291 7.16 -16.27 -13.33
CA VAL B 291 6.56 -16.22 -12.01
C VAL B 291 5.16 -16.82 -12.04
N THR B 292 4.70 -17.24 -10.86
CA THR B 292 3.29 -17.42 -10.59
C THR B 292 2.73 -16.04 -10.23
N ARG B 293 1.91 -15.48 -11.12
CA ARG B 293 1.33 -14.18 -10.89
C ARG B 293 0.24 -14.26 -9.83
N PHE B 294 0.15 -13.21 -9.02
CA PHE B 294 -0.96 -13.05 -8.07
C PHE B 294 -2.01 -12.15 -8.71
N ALA B 295 -3.28 -12.55 -8.62
CA ALA B 295 -4.34 -11.72 -9.18
C ALA B 295 -4.54 -10.45 -8.36
N VAL B 296 -4.20 -10.50 -7.07
CA VAL B 296 -4.22 -9.34 -6.19
C VAL B 296 -3.00 -9.40 -5.29
N PRO B 297 -2.52 -8.25 -4.81
CA PRO B 297 -1.47 -8.27 -3.80
C PRO B 297 -2.00 -8.88 -2.51
N LYS B 298 -1.17 -9.70 -1.85
CA LYS B 298 -1.59 -10.47 -0.70
C LYS B 298 -0.83 -10.06 0.54
N ALA B 299 -1.53 -9.85 1.64
CA ALA B 299 -0.84 -9.71 2.91
C ALA B 299 -0.27 -11.07 3.31
N MET B 300 1.06 -11.17 3.39
CA MET B 300 1.60 -12.51 3.64
C MET B 300 1.56 -12.88 5.12
N GLY B 301 1.51 -11.91 6.01
CA GLY B 301 1.22 -12.22 7.40
C GLY B 301 2.39 -12.72 8.21
N GLU B 302 2.04 -13.29 9.36
CA GLU B 302 3.06 -13.56 10.37
C GLU B 302 3.60 -14.97 10.29
N GLN B 303 2.90 -15.89 9.63
CA GLN B 303 3.30 -17.30 9.53
C GLN B 303 4.22 -17.51 8.33
N ARG B 304 5.32 -16.74 8.33
CA ARG B 304 6.28 -16.75 7.23
C ARG B 304 7.68 -16.64 7.80
N LEU B 305 8.64 -17.18 7.07
CA LEU B 305 10.04 -16.79 7.24
C LEU B 305 10.34 -15.76 6.15
N TYR B 306 10.63 -14.52 6.57
CA TYR B 306 11.12 -13.47 5.67
C TYR B 306 12.64 -13.44 5.70
N ASN B 307 13.28 -13.25 4.55
CA ASN B 307 14.74 -13.19 4.54
C ASN B 307 15.26 -12.32 3.42
N LYS B 308 16.57 -12.03 3.52
CA LYS B 308 17.30 -11.39 2.44
C LYS B 308 18.79 -11.71 2.58
N THR B 309 19.41 -12.06 1.47
CA THR B 309 20.85 -12.24 1.35
C THR B 309 21.51 -10.97 0.82
N GLY B 310 22.79 -10.81 1.12
CA GLY B 310 23.53 -9.70 0.54
C GLY B 310 25.01 -9.91 0.63
N SER B 311 25.73 -9.43 -0.39
CA SER B 311 27.19 -9.55 -0.42
C SER B 311 27.80 -8.33 -1.08
N THR B 312 29.08 -8.09 -0.76
CA THR B 312 29.93 -7.19 -1.52
C THR B 312 31.25 -7.91 -1.77
N GLY B 313 32.22 -7.21 -2.35
CA GLY B 313 33.51 -7.85 -2.63
C GLY B 313 34.13 -8.50 -1.42
N GLY B 314 33.97 -7.90 -0.25
CA GLY B 314 34.61 -8.46 0.93
C GLY B 314 33.70 -8.83 2.08
N PHE B 315 32.39 -8.89 1.85
CA PHE B 315 31.43 -9.05 2.92
C PHE B 315 30.31 -10.01 2.51
N GLY B 316 29.72 -10.65 3.51
CA GLY B 316 28.59 -11.53 3.30
C GLY B 316 27.59 -11.46 4.43
N ALA B 317 26.34 -11.14 4.11
CA ALA B 317 25.30 -10.88 5.09
C ALA B 317 24.10 -11.78 4.84
N TYR B 318 23.38 -12.06 5.92
CA TYR B 318 22.10 -12.76 5.81
C TYR B 318 21.23 -12.37 6.98
N VAL B 319 19.94 -12.18 6.72
CA VAL B 319 18.95 -11.87 7.75
CA VAL B 319 18.96 -11.88 7.76
C VAL B 319 17.70 -12.69 7.49
N ALA B 320 17.11 -13.22 8.56
CA ALA B 320 15.83 -13.93 8.44
C ALA B 320 15.05 -13.75 9.73
N PHE B 321 13.72 -13.67 9.60
CA PHE B 321 12.89 -13.56 10.79
C PHE B 321 11.55 -14.24 10.56
N VAL B 322 10.91 -14.62 11.67
CA VAL B 322 9.63 -15.32 11.67
C VAL B 322 8.70 -14.63 12.67
N PRO B 323 7.80 -13.75 12.22
CA PRO B 323 7.01 -12.98 13.19
C PRO B 323 6.14 -13.84 14.09
N ALA B 324 5.53 -14.89 13.55
CA ALA B 324 4.63 -15.74 14.35
C ALA B 324 5.35 -16.37 15.53
N ARG B 325 6.65 -16.65 15.39
CA ARG B 325 7.45 -17.29 16.43
C ARG B 325 8.24 -16.30 17.26
N GLY B 326 8.33 -15.04 16.82
CA GLY B 326 9.07 -14.05 17.56
C GLY B 326 10.56 -14.25 17.53
N ILE B 327 11.09 -14.83 16.46
CA ILE B 327 12.51 -15.17 16.37
C ILE B 327 13.10 -14.54 15.12
N ALA B 328 14.41 -14.30 15.16
CA ALA B 328 15.12 -13.64 14.07
C ALA B 328 16.61 -13.91 14.21
N ILE B 329 17.32 -13.87 13.08
CA ILE B 329 18.77 -13.99 13.08
C ILE B 329 19.38 -13.01 12.08
N VAL B 330 20.45 -12.33 12.50
CA VAL B 330 21.27 -11.48 11.66
C VAL B 330 22.68 -12.06 11.69
N MET B 331 23.29 -12.26 10.53
CA MET B 331 24.67 -12.74 10.45
C MET B 331 25.44 -11.84 9.51
N LEU B 332 26.39 -11.07 10.03
CA LEU B 332 27.19 -10.16 9.21
C LEU B 332 28.64 -10.60 9.27
N ALA B 333 29.23 -10.86 8.10
CA ALA B 333 30.61 -11.35 8.02
C ALA B 333 31.43 -10.45 7.11
N ASN B 334 32.73 -10.34 7.42
CA ASN B 334 33.65 -9.62 6.52
C ASN B 334 34.41 -10.58 5.61
N ARG B 335 33.66 -11.55 5.09
CA ARG B 335 34.08 -12.39 3.98
C ARG B 335 32.84 -12.75 3.18
N ASN B 336 32.94 -12.70 1.85
CA ASN B 336 31.84 -13.09 0.99
C ASN B 336 31.88 -14.61 0.82
N TYR B 337 31.29 -15.30 1.77
CA TYR B 337 31.30 -16.75 1.81
C TYR B 337 29.96 -17.30 1.29
N PRO B 338 29.90 -18.59 0.93
CA PRO B 338 28.76 -19.08 0.15
C PRO B 338 27.41 -18.92 0.83
N ILE B 339 26.42 -18.52 0.02
CA ILE B 339 25.06 -18.35 0.53
C ILE B 339 24.51 -19.66 1.12
N GLU B 340 24.89 -20.81 0.54
CA GLU B 340 24.43 -22.08 1.10
C GLU B 340 24.85 -22.26 2.56
N ALA B 341 26.06 -21.80 2.91
CA ALA B 341 26.52 -21.89 4.29
C ALA B 341 25.76 -20.91 5.19
N ARG B 342 25.46 -19.71 4.68
CA ARG B 342 24.66 -18.77 5.45
C ARG B 342 23.30 -19.35 5.79
N VAL B 343 22.65 -19.96 4.78
CA VAL B 343 21.30 -20.48 4.95
C VAL B 343 21.31 -21.68 5.88
N LYS B 344 22.28 -22.58 5.71
CA LYS B 344 22.36 -23.74 6.60
C LYS B 344 22.53 -23.32 8.05
N ALA B 345 23.44 -22.38 8.31
CA ALA B 345 23.68 -21.95 9.69
C ALA B 345 22.48 -21.20 10.25
N ALA B 346 21.88 -20.33 9.44
CA ALA B 346 20.72 -19.58 9.91
C ALA B 346 19.54 -20.50 10.21
N HIS B 347 19.31 -21.51 9.34
CA HIS B 347 18.20 -22.42 9.56
C HIS B 347 18.39 -23.22 10.83
N ALA B 348 19.62 -23.69 11.06
CA ALA B 348 19.91 -24.44 12.29
C ALA B 348 19.68 -23.60 13.53
N ILE B 349 20.14 -22.35 13.52
CA ILE B 349 19.99 -21.51 14.69
C ILE B 349 18.53 -21.15 14.92
N LEU B 350 17.81 -20.81 13.85
CA LEU B 350 16.39 -20.50 14.00
C LEU B 350 15.61 -21.70 14.54
N SER B 351 15.96 -22.91 14.09
CA SER B 351 15.30 -24.11 14.60
C SER B 351 15.47 -24.24 16.11
N GLN B 352 16.66 -23.93 16.61
CA GLN B 352 16.89 -24.01 18.06
C GLN B 352 16.19 -22.89 18.80
N LEU B 353 16.12 -21.69 18.21
CA LEU B 353 15.38 -20.60 18.83
C LEU B 353 13.90 -20.92 18.94
N ALA B 354 13.38 -21.69 17.98
CA ALA B 354 11.98 -22.08 17.95
C ALA B 354 11.65 -23.19 18.93
N GLU B 355 12.65 -23.83 19.53
CA GLU B 355 12.41 -24.83 20.56
C GLU B 355 11.73 -24.21 21.77
OAC NXL C . -11.98 6.63 -5.78
CAN NXL C . -11.97 5.43 -5.56
N NXL C . -11.08 4.65 -6.20
CAJ NXL C . -10.98 3.24 -5.90
CA NXL C . -10.16 5.22 -7.18
C NXL C . -10.72 4.93 -8.57
O NXL C . -10.76 3.80 -9.06
NAA NXL C . -11.22 5.98 -9.32
CB NXL C . -8.72 4.65 -7.07
CAH NXL C . -8.66 3.18 -6.65
CAO NXL C . -9.53 2.95 -5.45
NAK NXL C . -9.17 3.97 -4.38
OAL NXL C . -9.81 3.58 -3.23
SAR NXL C . -10.06 4.95 -2.23
OAD NXL C . -8.74 5.40 -1.92
OAE NXL C . -10.77 5.80 -3.10
OAG NXL C . -10.78 4.29 -1.18
C1 GOL D . -16.61 25.31 -13.38
O1 GOL D . -17.18 26.43 -12.76
C2 GOL D . -15.65 25.69 -14.51
O2 GOL D . -14.66 24.70 -14.67
C3 GOL D . -16.39 25.90 -15.84
O3 GOL D . -15.44 26.09 -16.88
C1 GOL E . -19.32 27.15 -10.08
O1 GOL E . -18.08 26.49 -10.20
C2 GOL E . -19.11 28.46 -9.31
O2 GOL E . -18.18 29.25 -10.00
C3 GOL E . -20.43 29.20 -9.20
O3 GOL E . -21.19 28.62 -8.15
C1 GOL F . -2.34 -3.62 8.97
O1 GOL F . -1.01 -3.84 8.56
C2 GOL F . -3.28 -4.10 7.89
O2 GOL F . -2.65 -5.14 7.19
C3 GOL F . -4.58 -4.63 8.48
O3 GOL F . -4.54 -4.68 9.89
N1 EPE G . -9.86 3.88 -13.77
C2 EPE G . -10.90 2.84 -13.74
C3 EPE G . -10.47 1.57 -14.45
N4 EPE G . -9.82 1.82 -15.72
C5 EPE G . -8.93 2.96 -15.85
C6 EPE G . -9.47 4.20 -15.15
C7 EPE G . -9.67 0.71 -16.64
C8 EPE G . -9.08 -0.52 -15.95
O8 EPE G . -10.12 -1.31 -15.40
C9 EPE G . -10.36 5.05 -13.03
C10 EPE G . -10.75 6.19 -13.95
S EPE G . -11.02 7.74 -13.05
O1S EPE G . -12.09 7.56 -12.08
O2S EPE G . -11.35 8.80 -14.00
O3S EPE G . -9.78 8.08 -12.35
OAC NXL H . 24.30 -7.97 -2.43
CAN NXL H . 23.54 -8.09 -3.36
N NXL H . 24.04 -8.26 -4.64
CAJ NXL H . 23.14 -8.41 -5.75
CA NXL H . 25.50 -8.29 -4.92
C NXL H . 25.98 -6.92 -5.42
O NXL H . 25.67 -6.44 -6.51
NAA NXL H . 26.79 -6.20 -4.60
CB NXL H . 25.89 -9.39 -5.95
CAH NXL H . 24.89 -9.48 -7.08
CAO NXL H . 23.50 -9.67 -6.53
NAK NXL H . 23.51 -10.77 -5.51
OAL NXL H . 22.21 -10.85 -4.99
SAR NXL H . 22.14 -11.83 -3.58
OAD NXL H . 23.01 -11.12 -2.72
OAE NXL H . 22.60 -13.12 -3.98
OAG NXL H . 20.73 -11.73 -3.37
#